data_4KAH
#
_entry.id   4KAH
#
_cell.length_a   81.006
_cell.length_b   90.964
_cell.length_c   92.182
_cell.angle_alpha   90.000
_cell.angle_beta   90.000
_cell.angle_gamma   90.000
#
_symmetry.space_group_name_H-M   'P 21 21 21'
#
loop_
_entity.id
_entity.type
_entity.pdbx_description
1 polymer 'Probable sugar kinase protein'
2 non-polymer ADENOSINE
3 non-polymer 'DIMETHYL SULFOXIDE'
4 non-polymer 4-bromo-1H-pyrazole
5 non-polymer 'BROMIDE ION'
6 non-polymer 'POTASSIUM ION'
7 water water
#
_entity_poly.entity_id   1
_entity_poly.type   'polypeptide(L)'
_entity_poly.pdbx_seq_one_letter_code
;(MSE)HHHHHHSSGVDLGTENLYFQS(MSE)TRFDVLTVGNAIVDIISRCNDQFLIDNQITKAA(MSE)NLIDAERAELL
YSR(MSE)GPALEASGGSAGNTAAGVANLGGKAAYFGNVAADQLGDIFTHDIRAQGVHYQTKPKGAFPPTARS(MSE)IF
VTEDGERS(MSE)NTYLGACVELGPEDVEADVVADAKVTYFEGYLWDPPRAKEAILDCARIAHQHGRE(MSE)S(MSE)T
LSDSFCVDRYRGEFLDL(MSE)RSGKVDIVFANRQEALSLYQTDDFEEALNRIAADCKIAAVT(MSE)SENGAVILKGRE
RYYVNAIRIREVVDTTGAGDLFASGFLYGYTQGRSLEDCGKLGCLAAGIVIQQIGPRP(MSE)TSLSEAAKQAGLI
;
_entity_poly.pdbx_strand_id   A,B
#
loop_
_chem_comp.id
_chem_comp.type
_chem_comp.name
_chem_comp.formula
ADN non-polymer ADENOSINE 'C10 H13 N5 O4'
BR non-polymer 'BROMIDE ION' 'Br -1'
BYZ non-polymer 4-bromo-1H-pyrazole 'C3 H3 Br N2'
DMS non-polymer 'DIMETHYL SULFOXIDE' 'C2 H6 O S'
K non-polymer 'POTASSIUM ION' 'K 1'
#
# COMPACT_ATOMS: atom_id res chain seq x y z
N MSE A 23 -3.93 16.10 34.74
CA MSE A 23 -3.65 15.73 33.31
C MSE A 23 -2.49 14.80 33.23
O MSE A 23 -1.46 15.00 33.87
CB MSE A 23 -3.32 16.90 32.39
CG MSE A 23 -3.69 18.28 32.90
SE MSE A 23 -2.86 19.56 31.65
CE MSE A 23 -1.38 20.09 32.83
N THR A 24 -2.64 13.76 32.41
CA THR A 24 -1.58 12.80 32.16
C THR A 24 -1.11 12.98 30.72
N ARG A 25 0.13 12.61 30.43
CA ARG A 25 0.68 12.82 29.10
C ARG A 25 -0.01 11.97 28.04
N PHE A 26 -0.38 10.75 28.41
CA PHE A 26 -0.96 9.80 27.48
C PHE A 26 -2.22 9.16 27.99
N ASP A 27 -3.18 8.96 27.09
CA ASP A 27 -4.33 8.12 27.35
C ASP A 27 -3.96 6.64 27.25
N VAL A 28 -3.32 6.26 26.15
CA VAL A 28 -3.04 4.85 25.90
C VAL A 28 -1.61 4.67 25.42
N LEU A 29 -0.84 3.87 26.15
CA LEU A 29 0.40 3.33 25.61
C LEU A 29 0.11 1.91 25.11
N THR A 30 0.54 1.58 23.89
CA THR A 30 0.47 0.19 23.45
C THR A 30 1.85 -0.36 23.23
N VAL A 31 1.98 -1.67 23.34
CA VAL A 31 3.27 -2.35 23.20
C VAL A 31 3.04 -3.59 22.33
N GLY A 32 3.82 -3.74 21.27
CA GLY A 32 3.62 -4.87 20.38
C GLY A 32 4.74 -5.11 19.41
N ASN A 33 4.55 -6.11 18.55
CA ASN A 33 5.49 -6.41 17.47
C ASN A 33 5.37 -5.38 16.35
N ALA A 34 6.44 -4.63 16.09
CA ALA A 34 6.41 -3.61 15.05
C ALA A 34 6.60 -4.28 13.69
N ILE A 35 5.56 -4.22 12.87
CA ILE A 35 5.48 -5.00 11.64
C ILE A 35 4.97 -4.15 10.48
N VAL A 36 5.58 -4.35 9.30
CA VAL A 36 5.03 -3.82 8.05
C VAL A 36 4.28 -4.93 7.33
N ASP A 37 3.04 -4.64 6.94
CA ASP A 37 2.23 -5.63 6.21
C ASP A 37 2.49 -5.60 4.70
N ILE A 38 2.48 -6.78 4.11
CA ILE A 38 2.61 -6.97 2.68
C ILE A 38 1.30 -7.69 2.31
N ILE A 39 0.44 -6.99 1.59
CA ILE A 39 -0.97 -7.43 1.42
C ILE A 39 -1.32 -7.81 -0.03
N SER A 40 -1.93 -8.99 -0.20
CA SER A 40 -2.41 -9.43 -1.51
C SER A 40 -3.73 -10.19 -1.39
N ARG A 41 -4.53 -10.17 -2.45
CA ARG A 41 -5.72 -11.01 -2.52
C ARG A 41 -5.34 -12.38 -3.07
N CYS A 42 -5.96 -13.45 -2.55
CA CYS A 42 -5.74 -14.79 -3.09
C CYS A 42 -7.04 -15.58 -3.15
N ASN A 43 -7.04 -16.67 -3.93
CA ASN A 43 -8.16 -17.61 -3.92
C ASN A 43 -8.03 -18.60 -2.76
N ASP A 44 -9.12 -19.32 -2.51
CA ASP A 44 -9.21 -20.25 -1.39
C ASP A 44 -8.16 -21.35 -1.53
N GLN A 45 -7.97 -21.83 -2.76
CA GLN A 45 -7.00 -22.89 -3.05
C GLN A 45 -5.57 -22.52 -2.67
N PHE A 46 -5.22 -21.25 -2.77
CA PHE A 46 -3.87 -20.79 -2.43
C PHE A 46 -3.48 -21.11 -0.98
N LEU A 47 -4.42 -20.92 -0.05
CA LEU A 47 -4.17 -21.23 1.36
C LEU A 47 -3.93 -22.73 1.57
N ILE A 48 -4.75 -23.55 0.92
CA ILE A 48 -4.62 -25.00 1.05
C ILE A 48 -3.29 -25.47 0.44
N ASP A 49 -2.96 -24.99 -0.76
CA ASP A 49 -1.74 -25.39 -1.45
C ASP A 49 -0.50 -25.05 -0.66
N ASN A 50 -0.58 -23.95 0.09
CA ASN A 50 0.57 -23.46 0.83
C ASN A 50 0.55 -23.77 2.32
N GLN A 51 -0.42 -24.58 2.73
CA GLN A 51 -0.58 -24.99 4.13
C GLN A 51 -0.55 -23.77 5.09
N ILE A 52 -1.30 -22.74 4.70
CA ILE A 52 -1.48 -21.52 5.50
C ILE A 52 -2.79 -21.70 6.28
N THR A 53 -2.74 -21.56 7.60
CA THR A 53 -3.96 -21.68 8.41
C THR A 53 -4.83 -20.43 8.19
N LYS A 54 -6.04 -20.61 7.66
CA LYS A 54 -6.89 -19.48 7.31
C LYS A 54 -7.34 -18.73 8.56
N ALA A 55 -7.35 -17.39 8.48
CA ALA A 55 -7.83 -16.50 9.53
C ALA A 55 -6.89 -16.39 10.73
N ALA A 56 -5.73 -17.02 10.64
CA ALA A 56 -4.78 -17.07 11.75
C ALA A 56 -3.48 -16.33 11.47
N MSE A 57 -2.71 -16.10 12.54
CA MSE A 57 -1.34 -15.58 12.45
C MSE A 57 -0.44 -16.78 12.43
O MSE A 57 -0.34 -17.52 13.44
CB MSE A 57 -1.10 -14.70 13.69
CG MSE A 57 0.04 -13.71 13.53
SE MSE A 57 1.74 -14.68 13.70
CE MSE A 57 1.60 -15.22 15.59
N ASN A 58 0.22 -16.97 11.28
CA ASN A 58 1.15 -18.08 11.04
C ASN A 58 2.59 -17.57 11.14
N LEU A 59 3.33 -17.99 12.17
CA LEU A 59 4.73 -17.59 12.30
C LEU A 59 5.60 -18.32 11.30
N ILE A 60 6.52 -17.60 10.68
CA ILE A 60 7.40 -18.20 9.66
C ILE A 60 8.85 -17.76 9.85
N ASP A 61 9.80 -18.60 9.43
CA ASP A 61 11.21 -18.22 9.42
C ASP A 61 11.59 -17.51 8.13
N ALA A 62 12.85 -17.08 8.03
CA ALA A 62 13.34 -16.32 6.89
C ALA A 62 13.18 -17.08 5.57
N GLU A 63 13.48 -18.38 5.60
CA GLU A 63 13.44 -19.20 4.40
C GLU A 63 12.00 -19.31 3.88
N ARG A 64 11.06 -19.54 4.79
CA ARG A 64 9.64 -19.65 4.40
C ARG A 64 9.11 -18.29 3.93
N ALA A 65 9.59 -17.21 4.55
CA ALA A 65 9.19 -15.86 4.14
C ALA A 65 9.57 -15.63 2.68
N GLU A 66 10.79 -16.03 2.31
CA GLU A 66 11.25 -15.91 0.91
C GLU A 66 10.42 -16.77 -0.03
N LEU A 67 10.13 -18.00 0.38
CA LEU A 67 9.32 -18.93 -0.41
C LEU A 67 7.92 -18.39 -0.64
N LEU A 68 7.23 -18.04 0.43
CA LEU A 68 5.87 -17.49 0.31
C LEU A 68 5.82 -16.24 -0.55
N TYR A 69 6.79 -15.34 -0.37
CA TYR A 69 6.83 -14.12 -1.16
C TYR A 69 6.98 -14.44 -2.64
N SER A 70 7.81 -15.44 -2.96
CA SER A 70 8.01 -15.86 -4.34
C SER A 70 6.70 -16.33 -4.99
N ARG A 71 5.76 -16.78 -4.18
CA ARG A 71 4.47 -17.27 -4.71
C ARG A 71 3.34 -16.26 -4.64
N MSE A 72 3.58 -15.17 -3.94
CA MSE A 72 2.60 -14.11 -3.74
C MSE A 72 2.47 -13.25 -4.97
O MSE A 72 3.45 -13.03 -5.67
CB MSE A 72 3.08 -13.28 -2.56
CG MSE A 72 2.03 -12.26 -2.16
SE MSE A 72 2.75 -11.37 -0.59
CE MSE A 72 1.06 -11.05 0.36
N GLY A 73 1.27 -12.77 -5.23
CA GLY A 73 1.03 -11.84 -6.33
C GLY A 73 1.60 -10.46 -6.05
N PRO A 74 1.37 -9.52 -6.97
CA PRO A 74 1.70 -8.12 -6.70
C PRO A 74 1.00 -7.67 -5.43
N ALA A 75 1.72 -6.94 -4.60
CA ALA A 75 1.23 -6.59 -3.28
C ALA A 75 1.26 -5.10 -2.98
N LEU A 76 0.63 -4.74 -1.86
CA LEU A 76 0.63 -3.40 -1.32
CA LEU A 76 0.68 -3.39 -1.33
C LEU A 76 1.31 -3.47 0.03
N GLU A 77 2.07 -2.44 0.41
CA GLU A 77 2.66 -2.38 1.75
C GLU A 77 2.00 -1.31 2.60
N ALA A 78 1.78 -1.64 3.87
CA ALA A 78 1.24 -0.68 4.83
C ALA A 78 1.75 -1.04 6.21
N SER A 79 2.05 -0.02 7.02
CA SER A 79 2.39 -0.25 8.42
C SER A 79 1.32 -1.05 9.15
N GLY A 80 1.75 -2.03 9.92
CA GLY A 80 0.86 -2.92 10.65
C GLY A 80 1.28 -3.08 12.10
N GLY A 81 1.23 -4.31 12.60
CA GLY A 81 1.45 -4.61 14.01
C GLY A 81 0.16 -4.34 14.77
N SER A 82 -0.36 -5.35 15.46
CA SER A 82 -1.66 -5.23 16.13
CA SER A 82 -1.67 -5.22 16.13
C SER A 82 -1.74 -4.01 17.06
N ALA A 83 -0.81 -3.94 18.02
CA ALA A 83 -0.74 -2.79 18.95
C ALA A 83 -0.43 -1.47 18.27
N GLY A 84 0.35 -1.53 17.19
CA GLY A 84 0.66 -0.34 16.39
C GLY A 84 -0.63 0.24 15.83
N ASN A 85 -1.42 -0.63 15.20
CA ASN A 85 -2.73 -0.26 14.66
C ASN A 85 -3.63 0.34 15.75
N THR A 86 -3.67 -0.30 16.92
CA THR A 86 -4.49 0.20 18.02
C THR A 86 -4.05 1.60 18.46
N ALA A 87 -2.74 1.81 18.65
CA ALA A 87 -2.21 3.14 18.99
C ALA A 87 -2.60 4.20 17.95
N ALA A 88 -2.41 3.87 16.67
CA ALA A 88 -2.77 4.76 15.56
C ALA A 88 -4.25 5.10 15.63
N GLY A 89 -5.09 4.11 15.93
CA GLY A 89 -6.54 4.33 16.03
C GLY A 89 -6.96 5.26 17.16
N VAL A 90 -6.30 5.12 18.30
CA VAL A 90 -6.53 6.05 19.41
C VAL A 90 -6.19 7.49 19.02
N ALA A 91 -5.03 7.68 18.39
CA ALA A 91 -4.60 9.00 17.92
C ALA A 91 -5.58 9.59 16.89
N ASN A 92 -6.02 8.75 15.96
CA ASN A 92 -7.00 9.15 14.94
C ASN A 92 -8.30 9.66 15.59
N LEU A 93 -8.78 8.92 16.58
CA LEU A 93 -9.96 9.34 17.37
C LEU A 93 -9.80 10.65 18.15
N GLY A 94 -8.56 11.02 18.47
CA GLY A 94 -8.27 12.27 19.16
C GLY A 94 -7.62 12.10 20.52
N GLY A 95 -7.39 10.84 20.90
CA GLY A 95 -6.74 10.50 22.16
C GLY A 95 -5.24 10.67 22.02
N LYS A 96 -4.54 10.61 23.14
CA LYS A 96 -3.10 10.77 23.15
C LYS A 96 -2.46 9.40 23.31
N ALA A 97 -1.73 8.96 22.29
CA ALA A 97 -1.17 7.60 22.31
C ALA A 97 0.35 7.56 22.21
N ALA A 98 0.91 6.47 22.72
CA ALA A 98 2.34 6.18 22.63
C ALA A 98 2.51 4.72 22.27
N TYR A 99 3.69 4.33 21.78
CA TYR A 99 3.90 2.98 21.34
C TYR A 99 5.32 2.53 21.60
N PHE A 100 5.48 1.31 22.10
CA PHE A 100 6.80 0.65 22.17
C PHE A 100 6.80 -0.52 21.20
N GLY A 101 7.81 -0.59 20.34
CA GLY A 101 7.97 -1.74 19.44
C GLY A 101 9.29 -1.55 18.68
N ASN A 102 9.96 -2.65 18.38
CA ASN A 102 11.30 -2.56 17.82
C ASN A 102 11.37 -2.89 16.34
N VAL A 103 11.86 -1.92 15.55
CA VAL A 103 12.16 -2.14 14.14
C VAL A 103 13.69 -2.20 13.94
N ALA A 104 14.10 -2.52 12.72
CA ALA A 104 15.51 -2.43 12.31
C ALA A 104 15.79 -1.08 11.67
N ALA A 105 17.09 -0.76 11.56
CA ALA A 105 17.55 0.44 10.87
C ALA A 105 17.58 0.15 9.38
N ASP A 106 16.39 0.06 8.78
CA ASP A 106 16.25 -0.23 7.35
C ASP A 106 15.04 0.50 6.78
N GLN A 107 14.79 0.34 5.50
CA GLN A 107 13.71 1.06 4.82
C GLN A 107 12.34 0.71 5.39
N LEU A 108 12.08 -0.58 5.64
CA LEU A 108 10.81 -0.99 6.27
C LEU A 108 10.65 -0.34 7.64
N GLY A 109 11.76 -0.27 8.38
CA GLY A 109 11.74 0.32 9.70
C GLY A 109 11.48 1.82 9.62
N ASP A 110 12.00 2.45 8.57
CA ASP A 110 11.82 3.88 8.38
C ASP A 110 10.35 4.16 8.00
N ILE A 111 9.77 3.30 7.17
CA ILE A 111 8.32 3.37 6.85
C ILE A 111 7.47 3.24 8.11
N PHE A 112 7.76 2.23 8.92
CA PHE A 112 7.00 2.01 10.13
C PHE A 112 7.08 3.23 11.04
N THR A 113 8.30 3.71 11.27
CA THR A 113 8.52 4.85 12.15
C THR A 113 7.78 6.09 11.64
N HIS A 114 7.88 6.33 10.34
CA HIS A 114 7.19 7.48 9.75
C HIS A 114 5.68 7.39 9.98
N ASP A 115 5.08 6.26 9.65
CA ASP A 115 3.60 6.15 9.62
C ASP A 115 3.00 6.34 11.00
N ILE A 116 3.61 5.73 12.01
CA ILE A 116 3.06 5.81 13.37
C ILE A 116 3.26 7.22 13.96
N ARG A 117 4.45 7.79 13.78
CA ARG A 117 4.70 9.18 14.22
C ARG A 117 3.84 10.19 13.46
N ALA A 118 3.57 9.94 12.16
CA ALA A 118 2.77 10.83 11.34
C ALA A 118 1.33 10.92 11.82
N GLN A 119 0.88 9.84 12.45
CA GLN A 119 -0.47 9.77 13.00
C GLN A 119 -0.56 10.51 14.34
N GLY A 120 0.58 10.94 14.87
CA GLY A 120 0.65 11.66 16.14
C GLY A 120 0.83 10.77 17.35
N VAL A 121 1.33 9.54 17.13
CA VAL A 121 1.67 8.63 18.21
C VAL A 121 3.12 8.88 18.61
N HIS A 122 3.36 8.97 19.91
CA HIS A 122 4.71 9.10 20.43
C HIS A 122 5.40 7.77 20.23
N TYR A 123 6.49 7.76 19.46
CA TYR A 123 7.19 6.53 19.18
C TYR A 123 8.69 6.78 19.15
N GLN A 124 9.40 6.23 20.14
CA GLN A 124 10.81 6.57 20.34
C GLN A 124 11.74 5.36 20.52
N THR A 125 11.23 4.16 20.27
CA THR A 125 12.03 2.95 20.36
C THR A 125 13.09 2.97 19.25
N LYS A 126 14.36 2.97 19.65
CA LYS A 126 15.46 3.06 18.71
C LYS A 126 15.81 1.68 18.14
N PRO A 127 16.11 1.61 16.83
CA PRO A 127 16.56 0.34 16.27
C PRO A 127 17.95 0.00 16.79
N LYS A 128 18.27 -1.29 16.86
CA LYS A 128 19.54 -1.76 17.43
C LYS A 128 20.60 -2.08 16.37
N GLY A 129 20.19 -1.99 15.11
CA GLY A 129 21.03 -2.28 13.96
C GLY A 129 20.13 -2.63 12.78
N ALA A 130 20.74 -3.05 11.67
CA ALA A 130 19.96 -3.40 10.48
C ALA A 130 19.55 -4.87 10.45
N PHE A 131 20.13 -5.69 11.34
CA PHE A 131 19.93 -7.14 11.33
C PHE A 131 19.69 -7.71 12.73
N PRO A 132 18.63 -8.54 12.91
CA PRO A 132 17.66 -8.94 11.88
C PRO A 132 16.85 -7.76 11.33
N PRO A 133 16.33 -7.90 10.11
CA PRO A 133 15.58 -6.78 9.52
C PRO A 133 14.21 -6.60 10.16
N THR A 134 13.55 -5.50 9.79
CA THR A 134 12.23 -5.16 10.31
C THR A 134 11.23 -6.27 10.00
N ALA A 135 10.41 -6.62 10.99
CA ALA A 135 9.36 -7.63 10.81
C ALA A 135 8.39 -7.28 9.68
N ARG A 136 7.93 -8.30 8.98
CA ARG A 136 6.92 -8.13 7.95
C ARG A 136 5.96 -9.30 8.00
N SER A 137 4.72 -9.05 7.59
CA SER A 137 3.71 -10.09 7.58
C SER A 137 3.07 -10.11 6.20
N MSE A 138 3.10 -11.27 5.54
CA MSE A 138 2.42 -11.42 4.27
C MSE A 138 1.00 -11.81 4.60
O MSE A 138 0.76 -12.86 5.18
CB MSE A 138 3.11 -12.43 3.39
CG MSE A 138 4.30 -11.71 2.78
SE MSE A 138 5.41 -13.13 2.01
CE MSE A 138 6.27 -13.66 3.70
N ILE A 139 0.08 -10.93 4.25
CA ILE A 139 -1.32 -11.08 4.61
C ILE A 139 -2.11 -11.36 3.34
N PHE A 140 -2.76 -12.51 3.31
CA PHE A 140 -3.52 -12.95 2.16
C PHE A 140 -5.00 -12.80 2.47
N VAL A 141 -5.67 -12.00 1.65
CA VAL A 141 -7.08 -11.72 1.86
C VAL A 141 -7.89 -12.53 0.84
N THR A 142 -8.82 -13.34 1.35
CA THR A 142 -9.65 -14.20 0.50
C THR A 142 -10.94 -13.46 0.09
N GLU A 143 -11.69 -14.02 -0.86
CA GLU A 143 -12.89 -13.36 -1.43
C GLU A 143 -13.92 -12.96 -0.38
N ASP A 144 -14.01 -13.76 0.68
CA ASP A 144 -14.87 -13.47 1.83
C ASP A 144 -14.37 -12.34 2.74
N GLY A 145 -13.21 -11.77 2.42
CA GLY A 145 -12.64 -10.69 3.22
C GLY A 145 -11.85 -11.12 4.45
N GLU A 146 -11.77 -12.43 4.68
CA GLU A 146 -10.96 -12.96 5.79
C GLU A 146 -9.49 -12.73 5.50
N ARG A 147 -8.68 -12.59 6.54
CA ARG A 147 -7.23 -12.38 6.38
CA ARG A 147 -7.23 -12.38 6.39
C ARG A 147 -6.36 -13.48 7.09
N SER A 148 -5.35 -13.95 6.34
CA SER A 148 -4.49 -15.00 6.84
C SER A 148 -3.04 -14.50 6.79
N MSE A 149 -2.45 -14.36 7.98
CA MSE A 149 -1.17 -13.63 8.09
C MSE A 149 -0.03 -14.57 8.26
O MSE A 149 -0.18 -15.62 8.91
CB MSE A 149 -1.22 -12.68 9.29
CG MSE A 149 -2.59 -12.00 9.29
SE MSE A 149 -2.43 -10.47 10.50
CE MSE A 149 -2.50 -11.46 12.21
N ASN A 150 1.12 -14.20 7.69
CA ASN A 150 2.31 -15.05 7.69
C ASN A 150 3.50 -14.18 8.05
N THR A 151 3.93 -14.30 9.31
CA THR A 151 4.75 -13.27 9.95
C THR A 151 6.16 -13.73 10.27
N TYR A 152 7.13 -12.99 9.73
CA TYR A 152 8.53 -13.15 10.08
C TYR A 152 8.89 -12.06 11.09
N LEU A 153 9.17 -12.46 12.32
CA LEU A 153 9.34 -11.49 13.41
C LEU A 153 10.57 -10.57 13.29
N GLY A 154 11.62 -11.03 12.59
CA GLY A 154 12.81 -10.18 12.41
C GLY A 154 13.22 -9.46 13.69
N ALA A 155 13.40 -8.14 13.57
CA ALA A 155 13.83 -7.28 14.68
C ALA A 155 12.94 -7.28 15.93
N CYS A 156 11.69 -7.76 15.82
CA CYS A 156 10.83 -7.90 17.01
C CYS A 156 11.45 -8.79 18.11
N VAL A 157 12.35 -9.71 17.73
CA VAL A 157 12.92 -10.61 18.73
C VAL A 157 13.86 -9.87 19.70
N GLU A 158 14.19 -8.61 19.35
CA GLU A 158 15.11 -7.81 20.14
CA GLU A 158 15.11 -7.81 20.14
C GLU A 158 14.43 -6.94 21.18
N LEU A 159 13.09 -6.85 21.15
CA LEU A 159 12.36 -6.03 22.13
C LEU A 159 12.52 -6.61 23.54
N GLY A 160 12.95 -5.76 24.47
CA GLY A 160 13.23 -6.20 25.82
C GLY A 160 13.05 -5.10 26.84
N PRO A 161 13.35 -5.40 28.12
CA PRO A 161 13.18 -4.44 29.20
C PRO A 161 13.86 -3.09 28.94
N GLU A 162 14.96 -3.11 28.18
CA GLU A 162 15.70 -1.89 27.87
C GLU A 162 14.88 -0.89 27.03
N ASP A 163 13.79 -1.37 26.42
CA ASP A 163 12.95 -0.53 25.58
C ASP A 163 11.77 0.09 26.31
N VAL A 164 11.64 -0.22 27.60
CA VAL A 164 10.59 0.36 28.42
C VAL A 164 10.96 1.80 28.78
N GLU A 165 10.16 2.75 28.30
CA GLU A 165 10.33 4.15 28.68
C GLU A 165 9.48 4.33 29.92
N ALA A 166 10.12 4.26 31.09
CA ALA A 166 9.40 4.18 32.36
C ALA A 166 8.50 5.40 32.60
N ASP A 167 8.96 6.59 32.19
CA ASP A 167 8.19 7.82 32.35
C ASP A 167 6.91 7.78 31.53
N VAL A 168 6.96 7.13 30.37
CA VAL A 168 5.79 7.01 29.49
C VAL A 168 4.75 6.07 30.12
N VAL A 169 5.18 4.90 30.61
CA VAL A 169 4.30 3.98 31.33
C VAL A 169 3.66 4.68 32.54
N ALA A 170 4.49 5.39 33.32
CA ALA A 170 4.01 6.12 34.49
C ALA A 170 2.94 7.15 34.12
N ASP A 171 3.06 7.75 32.93
CA ASP A 171 2.20 8.87 32.51
C ASP A 171 1.08 8.44 31.56
N ALA A 172 0.81 7.13 31.47
CA ALA A 172 -0.23 6.64 30.56
C ALA A 172 -1.40 6.04 31.35
N LYS A 173 -2.62 6.47 31.03
CA LYS A 173 -3.78 5.98 31.76
C LYS A 173 -3.93 4.47 31.65
N VAL A 174 -3.71 3.95 30.44
CA VAL A 174 -3.77 2.53 30.20
C VAL A 174 -2.55 2.12 29.39
N THR A 175 -1.93 1.03 29.81
CA THR A 175 -0.94 0.37 28.98
C THR A 175 -1.52 -0.93 28.47
N TYR A 176 -1.57 -1.05 27.14
CA TYR A 176 -2.17 -2.19 26.45
C TYR A 176 -1.13 -2.95 25.64
N PHE A 177 -1.17 -4.27 25.70
CA PHE A 177 -0.20 -5.09 24.98
C PHE A 177 -0.78 -6.33 24.32
N GLU A 178 -0.02 -6.86 23.37
CA GLU A 178 -0.41 -8.04 22.60
C GLU A 178 -0.02 -9.33 23.28
N GLY A 179 -0.94 -10.29 23.26
CA GLY A 179 -0.59 -11.69 23.53
C GLY A 179 0.52 -12.17 22.60
N TYR A 180 0.53 -11.64 21.38
CA TYR A 180 1.56 -11.97 20.39
C TYR A 180 2.97 -11.75 20.91
N LEU A 181 3.13 -10.87 21.90
CA LEU A 181 4.44 -10.59 22.49
C LEU A 181 5.07 -11.79 23.21
N TRP A 182 4.29 -12.86 23.45
CA TRP A 182 4.81 -14.06 24.10
C TRP A 182 5.67 -14.95 23.20
N ASP A 183 5.58 -14.72 21.88
CA ASP A 183 6.39 -15.45 20.91
C ASP A 183 7.87 -15.01 20.90
N PRO A 184 8.15 -13.70 20.77
CA PRO A 184 9.60 -13.35 20.89
C PRO A 184 10.12 -13.59 22.31
N PRO A 185 11.43 -13.74 22.49
CA PRO A 185 11.93 -14.30 23.75
C PRO A 185 11.84 -13.39 24.98
N ARG A 186 12.15 -12.12 24.83
CA ARG A 186 12.33 -11.24 25.99
C ARG A 186 11.24 -10.19 26.14
N ALA A 187 10.30 -10.12 25.21
CA ALA A 187 9.27 -9.09 25.29
C ALA A 187 8.43 -9.19 26.57
N LYS A 188 8.18 -10.41 27.03
CA LYS A 188 7.39 -10.63 28.25
C LYS A 188 8.02 -9.98 29.45
N GLU A 189 9.35 -9.95 29.52
CA GLU A 189 10.04 -9.25 30.61
C GLU A 189 9.74 -7.75 30.60
N ALA A 190 9.74 -7.13 29.41
CA ALA A 190 9.33 -5.74 29.25
C ALA A 190 7.90 -5.51 29.75
N ILE A 191 6.98 -6.40 29.39
CA ILE A 191 5.59 -6.29 29.86
C ILE A 191 5.44 -6.40 31.39
N LEU A 192 6.19 -7.31 32.01
CA LEU A 192 6.16 -7.38 33.47
C LEU A 192 6.69 -6.10 34.11
N ASP A 193 7.73 -5.50 33.51
CA ASP A 193 8.19 -4.18 33.96
C ASP A 193 7.10 -3.12 33.82
N CYS A 194 6.45 -3.07 32.66
CA CYS A 194 5.32 -2.18 32.44
C CYS A 194 4.23 -2.33 33.49
N ALA A 195 3.85 -3.57 33.80
CA ALA A 195 2.78 -3.87 34.75
C ALA A 195 3.10 -3.28 36.12
N ARG A 196 4.35 -3.48 36.55
CA ARG A 196 4.83 -2.95 37.82
C ARG A 196 4.78 -1.42 37.86
N ILE A 197 5.32 -0.78 36.83
CA ILE A 197 5.33 0.68 36.76
C ILE A 197 3.90 1.21 36.69
N ALA A 198 3.09 0.64 35.80
CA ALA A 198 1.70 1.09 35.65
C ALA A 198 0.92 1.04 36.97
N HIS A 199 0.99 -0.10 37.65
CA HIS A 199 0.23 -0.27 38.88
C HIS A 199 0.77 0.57 40.06
N GLN A 200 2.09 0.77 40.12
CA GLN A 200 2.70 1.66 41.12
C GLN A 200 2.24 3.11 40.97
N HIS A 201 1.84 3.47 39.75
CA HIS A 201 1.39 4.81 39.44
C HIS A 201 -0.12 4.90 39.30
N GLY A 202 -0.83 3.84 39.72
CA GLY A 202 -2.30 3.82 39.72
C GLY A 202 -2.96 3.77 38.37
N ARG A 203 -2.21 3.31 37.37
CA ARG A 203 -2.69 3.19 35.99
C ARG A 203 -3.27 1.80 35.80
N GLU A 204 -3.84 1.54 34.63
CA GLU A 204 -4.38 0.22 34.33
C GLU A 204 -3.65 -0.48 33.20
N MSE A 205 -3.64 -1.81 33.27
CA MSE A 205 -3.02 -2.66 32.27
C MSE A 205 -4.08 -3.38 31.48
O MSE A 205 -5.07 -3.86 32.03
CB MSE A 205 -2.21 -3.74 32.98
CG MSE A 205 -0.96 -3.24 33.71
SE MSE A 205 0.29 -2.51 32.38
CE MSE A 205 0.61 -4.13 31.30
N SER A 206 -3.86 -3.50 30.18
CA SER A 206 -4.79 -4.20 29.30
C SER A 206 -4.04 -5.12 28.34
N MSE A 207 -4.68 -6.21 27.94
CA MSE A 207 -4.08 -7.08 26.91
C MSE A 207 -5.13 -7.58 25.97
O MSE A 207 -6.30 -7.65 26.32
CB MSE A 207 -3.36 -8.26 27.55
CG MSE A 207 -4.26 -9.46 27.69
SE MSE A 207 -3.16 -10.90 28.44
CE MSE A 207 -2.41 -11.54 26.72
N THR A 208 -4.70 -7.90 24.76
CA THR A 208 -5.51 -8.65 23.83
C THR A 208 -4.97 -10.07 23.71
N LEU A 209 -5.88 -11.04 23.59
CA LEU A 209 -5.48 -12.43 23.42
C LEU A 209 -4.92 -12.71 22.03
N SER A 210 -5.07 -11.75 21.12
CA SER A 210 -4.41 -11.71 19.79
C SER A 210 -4.88 -12.72 18.74
N ASP A 211 -4.86 -14.01 19.07
CA ASP A 211 -5.06 -15.07 18.10
C ASP A 211 -5.31 -16.39 18.85
N SER A 212 -6.21 -17.21 18.34
CA SER A 212 -6.61 -18.43 19.06
C SER A 212 -5.46 -19.43 19.21
N PHE A 213 -4.55 -19.48 18.23
CA PHE A 213 -3.38 -20.37 18.31
C PHE A 213 -2.34 -19.80 19.26
N CYS A 214 -2.26 -18.46 19.32
CA CYS A 214 -1.41 -17.78 20.28
C CYS A 214 -1.89 -18.13 21.70
N VAL A 215 -3.20 -18.09 21.91
CA VAL A 215 -3.79 -18.51 23.18
C VAL A 215 -3.44 -19.96 23.47
N ASP A 216 -3.53 -20.84 22.46
CA ASP A 216 -3.19 -22.24 22.68
CA ASP A 216 -3.17 -22.26 22.60
C ASP A 216 -1.74 -22.40 23.14
N ARG A 217 -0.86 -21.54 22.62
CA ARG A 217 0.56 -21.60 22.98
C ARG A 217 0.83 -21.13 24.41
N TYR A 218 0.08 -20.13 24.87
CA TYR A 218 0.40 -19.44 26.16
C TYR A 218 -0.77 -19.38 27.14
N ARG A 219 -1.68 -20.35 27.01
CA ARG A 219 -2.92 -20.39 27.78
C ARG A 219 -2.71 -20.18 29.28
N GLY A 220 -1.82 -21.00 29.86
CA GLY A 220 -1.52 -20.92 31.29
C GLY A 220 -0.94 -19.57 31.69
N GLU A 221 -0.04 -19.04 30.87
CA GLU A 221 0.55 -17.73 31.14
C GLU A 221 -0.46 -16.59 31.05
N PHE A 222 -1.34 -16.64 30.04
CA PHE A 222 -2.36 -15.60 29.90
C PHE A 222 -3.34 -15.59 31.09
N LEU A 223 -3.81 -16.77 31.49
CA LEU A 223 -4.70 -16.90 32.65
C LEU A 223 -4.02 -16.39 33.91
N ASP A 224 -2.73 -16.66 34.05
CA ASP A 224 -1.98 -16.19 35.22
C ASP A 224 -1.84 -14.66 35.23
N LEU A 225 -1.66 -14.05 34.05
CA LEU A 225 -1.61 -12.59 33.95
C LEU A 225 -2.90 -11.99 34.49
N MSE A 226 -4.03 -12.62 34.17
CA MSE A 226 -5.35 -12.10 34.54
C MSE A 226 -5.60 -12.37 36.01
O MSE A 226 -5.93 -11.45 36.76
CB MSE A 226 -6.41 -12.76 33.67
CG MSE A 226 -6.32 -12.25 32.24
SE MSE A 226 -7.29 -13.50 31.04
CE MSE A 226 -9.16 -13.20 31.59
N ARG A 227 -5.40 -13.60 36.45
CA ARG A 227 -5.70 -14.00 37.83
C ARG A 227 -4.80 -13.34 38.88
N SER A 228 -3.57 -13.00 38.50
CA SER A 228 -2.62 -12.34 39.39
C SER A 228 -2.88 -10.83 39.44
N GLY A 229 -3.75 -10.34 38.55
CA GLY A 229 -4.06 -8.91 38.49
C GLY A 229 -3.05 -8.04 37.75
N LYS A 230 -2.12 -8.65 37.03
CA LYS A 230 -1.18 -7.88 36.20
C LYS A 230 -1.91 -7.24 35.02
N VAL A 231 -3.01 -7.85 34.61
CA VAL A 231 -3.89 -7.35 33.55
C VAL A 231 -5.28 -7.06 34.16
N ASP A 232 -5.79 -5.87 33.85
CA ASP A 232 -7.07 -5.38 34.38
C ASP A 232 -8.18 -5.47 33.34
N ILE A 233 -7.84 -5.25 32.07
CA ILE A 233 -8.83 -5.25 30.99
C ILE A 233 -8.35 -6.18 29.87
N VAL A 234 -9.15 -7.19 29.52
CA VAL A 234 -8.78 -8.17 28.49
CA VAL A 234 -8.77 -8.15 28.48
C VAL A 234 -9.69 -8.04 27.26
N PHE A 235 -9.08 -8.06 26.06
CA PHE A 235 -9.82 -8.10 24.82
C PHE A 235 -9.69 -9.48 24.20
N ALA A 236 -10.81 -9.99 23.73
CA ALA A 236 -10.85 -11.32 23.11
C ALA A 236 -11.90 -11.31 22.02
N ASN A 237 -11.71 -12.13 20.99
CA ASN A 237 -12.82 -12.46 20.10
C ASN A 237 -13.41 -13.82 20.49
N ARG A 238 -14.46 -14.26 19.80
CA ARG A 238 -15.11 -15.51 20.15
C ARG A 238 -14.11 -16.67 20.14
N GLN A 239 -13.32 -16.77 19.08
CA GLN A 239 -12.39 -17.88 18.88
C GLN A 239 -11.35 -17.95 20.00
N GLU A 240 -10.83 -16.78 20.37
CA GLU A 240 -9.84 -16.67 21.45
C GLU A 240 -10.43 -17.05 22.81
N ALA A 241 -11.64 -16.60 23.10
CA ALA A 241 -12.30 -16.94 24.36
C ALA A 241 -12.54 -18.44 24.47
N LEU A 242 -13.00 -19.05 23.37
CA LEU A 242 -13.23 -20.50 23.32
C LEU A 242 -11.92 -21.25 23.54
N SER A 243 -10.85 -20.76 22.91
N SER A 243 -10.84 -20.76 22.92
CA SER A 243 -9.52 -21.35 23.04
CA SER A 243 -9.53 -21.39 23.06
C SER A 243 -8.99 -21.23 24.47
C SER A 243 -8.97 -21.23 24.48
N LEU A 244 -9.22 -20.06 25.08
CA LEU A 244 -8.72 -19.80 26.43
C LEU A 244 -9.18 -20.86 27.43
N TYR A 245 -10.44 -21.28 27.31
CA TYR A 245 -11.01 -22.27 28.24
C TYR A 245 -11.18 -23.65 27.59
N GLN A 246 -10.70 -23.79 26.35
CA GLN A 246 -10.79 -25.04 25.58
C GLN A 246 -12.19 -25.62 25.60
N THR A 247 -13.15 -24.76 25.29
CA THR A 247 -14.56 -25.13 25.33
C THR A 247 -15.17 -24.78 23.98
N ASP A 248 -16.28 -25.43 23.62
CA ASP A 248 -17.05 -24.96 22.50
C ASP A 248 -18.35 -24.28 22.94
N ASP A 249 -18.48 -24.10 24.25
CA ASP A 249 -19.62 -23.42 24.88
C ASP A 249 -19.28 -21.94 25.10
N PHE A 250 -19.74 -21.08 24.21
CA PHE A 250 -19.46 -19.65 24.31
C PHE A 250 -19.94 -19.04 25.62
N GLU A 251 -21.11 -19.48 26.09
CA GLU A 251 -21.63 -18.97 27.36
C GLU A 251 -20.72 -19.33 28.54
N GLU A 252 -20.16 -20.53 28.53
CA GLU A 252 -19.16 -20.91 29.54
C GLU A 252 -17.96 -19.96 29.46
N ALA A 253 -17.48 -19.72 28.24
CA ALA A 253 -16.31 -18.85 28.05
C ALA A 253 -16.57 -17.44 28.59
N LEU A 254 -17.79 -16.92 28.38
CA LEU A 254 -18.12 -15.59 28.89
C LEU A 254 -18.14 -15.56 30.42
N ASN A 255 -18.78 -16.55 31.04
CA ASN A 255 -18.81 -16.66 32.49
C ASN A 255 -17.41 -16.77 33.09
N ARG A 256 -16.56 -17.55 32.43
CA ARG A 256 -15.20 -17.78 32.92
C ARG A 256 -14.31 -16.56 32.81
N ILE A 257 -14.34 -15.91 31.65
CA ILE A 257 -13.51 -14.73 31.43
C ILE A 257 -13.90 -13.59 32.39
N ALA A 258 -15.18 -13.45 32.67
CA ALA A 258 -15.65 -12.45 33.63
C ALA A 258 -15.08 -12.70 35.04
N ALA A 259 -14.92 -13.97 35.39
CA ALA A 259 -14.43 -14.35 36.71
C ALA A 259 -12.92 -14.15 36.81
N ASP A 260 -12.25 -14.11 35.66
CA ASP A 260 -10.78 -14.09 35.60
C ASP A 260 -10.14 -12.70 35.46
N CYS A 261 -10.92 -11.70 35.03
CA CYS A 261 -10.38 -10.35 34.88
CA CYS A 261 -10.41 -10.35 34.79
C CYS A 261 -11.42 -9.30 35.26
N LYS A 262 -10.95 -8.09 35.59
CA LYS A 262 -11.86 -7.04 36.07
C LYS A 262 -12.87 -6.60 35.01
N ILE A 263 -12.39 -6.38 33.79
CA ILE A 263 -13.24 -6.06 32.65
C ILE A 263 -12.80 -6.90 31.47
N ALA A 264 -13.77 -7.53 30.79
CA ALA A 264 -13.46 -8.24 29.56
C ALA A 264 -14.28 -7.65 28.42
N ALA A 265 -13.64 -7.42 27.28
CA ALA A 265 -14.37 -6.95 26.11
C ALA A 265 -14.27 -8.03 25.05
N VAL A 266 -15.41 -8.62 24.69
CA VAL A 266 -15.39 -9.78 23.81
C VAL A 266 -16.11 -9.50 22.51
N THR A 267 -15.38 -9.59 21.40
CA THR A 267 -15.94 -9.28 20.09
C THR A 267 -16.52 -10.53 19.44
N MSE A 268 -17.58 -10.34 18.64
CA MSE A 268 -18.24 -11.47 17.98
C MSE A 268 -18.51 -11.19 16.51
O MSE A 268 -19.58 -11.51 16.00
CB MSE A 268 -19.53 -11.79 18.71
CG MSE A 268 -19.28 -12.00 20.20
SE MSE A 268 -21.01 -12.11 21.10
CE MSE A 268 -21.61 -10.24 21.02
N SER A 269 -17.51 -10.60 15.84
CA SER A 269 -17.58 -10.32 14.40
C SER A 269 -18.86 -9.56 14.04
N GLU A 270 -19.64 -10.10 13.09
CA GLU A 270 -20.90 -9.45 12.65
C GLU A 270 -21.97 -9.37 13.75
N ASN A 271 -21.82 -10.19 14.78
CA ASN A 271 -22.76 -10.22 15.92
C ASN A 271 -22.47 -9.17 17.00
N GLY A 272 -21.51 -8.29 16.76
CA GLY A 272 -21.25 -7.17 17.65
C GLY A 272 -20.24 -7.50 18.74
N ALA A 273 -20.53 -7.08 19.96
CA ALA A 273 -19.61 -7.25 21.08
C ALA A 273 -20.34 -7.29 22.41
N VAL A 274 -19.71 -7.91 23.40
CA VAL A 274 -20.23 -7.92 24.77
C VAL A 274 -19.12 -7.51 25.75
N ILE A 275 -19.44 -6.55 26.61
CA ILE A 275 -18.51 -6.05 27.61
C ILE A 275 -18.93 -6.60 28.98
N LEU A 276 -17.98 -7.20 29.69
CA LEU A 276 -18.30 -7.83 30.96
C LEU A 276 -17.53 -7.18 32.11
N LYS A 277 -18.24 -6.96 33.22
CA LYS A 277 -17.61 -6.43 34.44
C LYS A 277 -18.31 -7.07 35.62
N GLY A 278 -17.62 -7.98 36.30
CA GLY A 278 -18.22 -8.71 37.42
C GLY A 278 -19.42 -9.47 36.91
N ARG A 279 -20.61 -9.08 37.37
CA ARG A 279 -21.86 -9.68 36.91
C ARG A 279 -22.53 -8.88 35.80
N GLU A 280 -22.03 -7.68 35.53
CA GLU A 280 -22.60 -6.80 34.49
C GLU A 280 -22.21 -7.28 33.10
N ARG A 281 -23.16 -7.23 32.18
CA ARG A 281 -22.92 -7.50 30.76
C ARG A 281 -23.55 -6.41 29.92
N TYR A 282 -22.78 -5.90 28.96
CA TYR A 282 -23.28 -4.86 28.05
C TYR A 282 -23.09 -5.31 26.62
N TYR A 283 -24.20 -5.55 25.93
CA TYR A 283 -24.15 -5.99 24.54
C TYR A 283 -24.22 -4.78 23.62
N VAL A 284 -23.40 -4.81 22.57
CA VAL A 284 -23.36 -3.75 21.57
C VAL A 284 -23.49 -4.38 20.19
N ASN A 285 -24.32 -3.78 19.33
CA ASN A 285 -24.46 -4.23 17.95
C ASN A 285 -23.29 -3.82 17.06
N ALA A 286 -22.95 -4.66 16.10
CA ALA A 286 -22.02 -4.27 15.04
C ALA A 286 -22.73 -3.32 14.08
N ILE A 287 -21.97 -2.41 13.48
CA ILE A 287 -22.53 -1.51 12.47
C ILE A 287 -22.84 -2.34 11.22
N ARG A 288 -23.83 -1.92 10.44
CA ARG A 288 -24.16 -2.67 9.24
C ARG A 288 -23.28 -2.22 8.08
N ILE A 289 -22.76 -3.18 7.33
CA ILE A 289 -21.73 -2.94 6.32
C ILE A 289 -22.26 -3.11 4.89
N ARG A 290 -21.80 -2.25 3.98
CA ARG A 290 -21.98 -2.47 2.53
C ARG A 290 -21.37 -3.82 2.14
N GLU A 291 -20.06 -3.92 2.32
CA GLU A 291 -19.29 -5.10 1.94
C GLU A 291 -18.03 -5.16 2.80
N VAL A 292 -17.70 -6.37 3.25
CA VAL A 292 -16.44 -6.55 4.00
C VAL A 292 -15.28 -6.72 3.03
N VAL A 293 -14.43 -5.71 2.96
CA VAL A 293 -13.32 -5.66 2.01
C VAL A 293 -12.13 -6.51 2.52
N ASP A 294 -11.77 -6.30 3.77
CA ASP A 294 -10.58 -6.89 4.36
C ASP A 294 -10.72 -6.75 5.87
N THR A 295 -10.84 -7.89 6.58
CA THR A 295 -11.02 -7.86 8.04
C THR A 295 -9.76 -7.46 8.82
N THR A 296 -8.62 -7.30 8.13
CA THR A 296 -7.36 -6.96 8.82
C THR A 296 -7.51 -5.70 9.66
N GLY A 297 -7.19 -5.82 10.94
CA GLY A 297 -7.24 -4.69 11.88
C GLY A 297 -8.52 -4.54 12.66
N ALA A 298 -9.54 -5.37 12.39
CA ALA A 298 -10.85 -5.20 13.05
C ALA A 298 -10.73 -5.20 14.57
N GLY A 299 -10.14 -6.27 15.12
CA GLY A 299 -9.93 -6.37 16.55
C GLY A 299 -9.08 -5.23 17.09
N ASP A 300 -8.05 -4.85 16.34
CA ASP A 300 -7.14 -3.78 16.78
C ASP A 300 -7.87 -2.46 16.96
N LEU A 301 -8.73 -2.16 15.99
CA LEU A 301 -9.47 -0.90 15.99
C LEU A 301 -10.67 -0.92 16.95
N PHE A 302 -11.22 -2.10 17.19
CA PHE A 302 -12.18 -2.24 18.29
C PHE A 302 -11.50 -1.81 19.59
N ALA A 303 -10.27 -2.29 19.82
CA ALA A 303 -9.54 -1.88 21.01
C ALA A 303 -9.28 -0.36 21.03
N SER A 304 -8.98 0.24 19.88
CA SER A 304 -8.76 1.69 19.81
C SER A 304 -9.99 2.46 20.31
N GLY A 305 -11.15 2.11 19.76
CA GLY A 305 -12.40 2.77 20.13
C GLY A 305 -12.75 2.59 21.58
N PHE A 306 -12.64 1.33 22.04
CA PHE A 306 -12.94 1.01 23.43
C PHE A 306 -12.04 1.79 24.38
N LEU A 307 -10.73 1.71 24.13
CA LEU A 307 -9.77 2.36 25.01
C LEU A 307 -9.84 3.88 24.96
N TYR A 308 -10.12 4.45 23.79
CA TYR A 308 -10.37 5.89 23.68
C TYR A 308 -11.57 6.29 24.57
N GLY A 309 -12.67 5.57 24.40
CA GLY A 309 -13.85 5.79 25.26
C GLY A 309 -13.57 5.63 26.75
N TYR A 310 -12.82 4.58 27.09
CA TYR A 310 -12.55 4.27 28.48
C TYR A 310 -11.75 5.38 29.16
N THR A 311 -10.72 5.86 28.46
CA THR A 311 -9.83 6.88 28.99
C THR A 311 -10.46 8.29 28.94
N GLN A 312 -11.61 8.39 28.27
CA GLN A 312 -12.41 9.62 28.31
C GLN A 312 -13.53 9.54 29.36
N GLY A 313 -13.52 8.49 30.19
CA GLY A 313 -14.54 8.34 31.23
C GLY A 313 -15.93 7.94 30.76
N ARG A 314 -16.03 7.37 29.56
CA ARG A 314 -17.31 6.95 28.99
C ARG A 314 -17.83 5.65 29.59
N SER A 315 -19.15 5.43 29.52
CA SER A 315 -19.76 4.20 29.99
C SER A 315 -19.21 3.01 29.21
N LEU A 316 -19.19 1.82 29.84
CA LEU A 316 -18.72 0.63 29.14
C LEU A 316 -19.50 0.35 27.83
N GLU A 317 -20.82 0.59 27.83
CA GLU A 317 -21.59 0.46 26.59
C GLU A 317 -21.08 1.39 25.49
N ASP A 318 -20.86 2.66 25.83
CA ASP A 318 -20.32 3.63 24.88
C ASP A 318 -18.91 3.29 24.40
N CYS A 319 -18.11 2.70 25.29
CA CYS A 319 -16.77 2.24 24.88
C CYS A 319 -16.93 1.13 23.84
N GLY A 320 -17.84 0.19 24.09
CA GLY A 320 -18.15 -0.85 23.12
C GLY A 320 -18.71 -0.28 21.82
N LYS A 321 -19.55 0.74 21.92
CA LYS A 321 -20.07 1.40 20.72
C LYS A 321 -18.94 2.04 19.87
N LEU A 322 -18.03 2.75 20.52
CA LEU A 322 -16.90 3.36 19.82
C LEU A 322 -15.97 2.32 19.20
N GLY A 323 -15.79 1.21 19.92
CA GLY A 323 -15.06 0.05 19.39
C GLY A 323 -15.66 -0.53 18.12
N CYS A 324 -16.95 -0.82 18.14
CA CYS A 324 -17.61 -1.34 16.95
C CYS A 324 -17.57 -0.33 15.77
N LEU A 325 -17.70 0.95 16.07
CA LEU A 325 -17.67 1.97 15.02
C LEU A 325 -16.32 1.93 14.31
N ALA A 326 -15.25 1.95 15.09
CA ALA A 326 -13.90 1.92 14.51
C ALA A 326 -13.62 0.63 13.73
N ALA A 327 -14.03 -0.52 14.27
CA ALA A 327 -13.85 -1.81 13.62
C ALA A 327 -14.62 -1.91 12.29
N GLY A 328 -15.85 -1.41 12.30
CA GLY A 328 -16.68 -1.42 11.10
C GLY A 328 -16.07 -0.59 9.99
N ILE A 329 -15.42 0.50 10.37
CA ILE A 329 -14.77 1.39 9.41
C ILE A 329 -13.54 0.70 8.78
N VAL A 330 -12.68 0.11 9.61
CA VAL A 330 -11.41 -0.45 9.11
C VAL A 330 -11.66 -1.66 8.16
N ILE A 331 -12.72 -2.42 8.39
CA ILE A 331 -12.98 -3.60 7.54
C ILE A 331 -13.53 -3.28 6.14
N GLN A 332 -13.84 -2.01 5.90
CA GLN A 332 -14.38 -1.56 4.62
C GLN A 332 -13.30 -0.95 3.74
N GLN A 333 -12.04 -1.14 4.15
CA GLN A 333 -10.91 -0.66 3.37
C GLN A 333 -9.79 -1.70 3.35
N ILE A 334 -8.93 -1.62 2.35
CA ILE A 334 -7.69 -2.39 2.34
C ILE A 334 -6.70 -1.71 3.28
N GLY A 335 -6.02 -2.50 4.11
CA GLY A 335 -5.04 -1.95 5.05
C GLY A 335 -5.57 -1.83 6.47
N PRO A 336 -4.66 -1.96 7.46
CA PRO A 336 -5.08 -2.13 8.86
C PRO A 336 -5.32 -0.86 9.66
N ARG A 337 -5.01 0.29 9.08
CA ARG A 337 -5.19 1.56 9.78
C ARG A 337 -6.11 2.46 8.97
N PRO A 338 -7.27 2.86 9.55
CA PRO A 338 -8.22 3.69 8.80
C PRO A 338 -7.59 4.93 8.18
N MSE A 339 -7.91 5.17 6.91
CA MSE A 339 -7.38 6.31 6.18
C MSE A 339 -8.28 7.50 6.28
O MSE A 339 -7.94 8.59 5.81
CB MSE A 339 -7.19 5.87 4.73
CG MSE A 339 -6.11 4.79 4.68
SE MSE A 339 -5.96 4.09 2.85
CE MSE A 339 -7.60 3.00 2.76
N THR A 340 -9.45 7.32 6.90
CA THR A 340 -10.42 8.40 7.10
C THR A 340 -10.41 8.81 8.56
N SER A 341 -11.11 9.91 8.88
CA SER A 341 -11.14 10.42 10.25
C SER A 341 -12.15 9.68 11.12
N LEU A 342 -11.62 9.02 12.14
CA LEU A 342 -12.44 8.33 13.12
C LEU A 342 -13.16 9.30 14.02
N SER A 343 -12.52 10.42 14.36
CA SER A 343 -13.18 11.43 15.19
C SER A 343 -14.39 12.02 14.48
N GLU A 344 -14.26 12.28 13.17
CA GLU A 344 -15.40 12.80 12.38
C GLU A 344 -16.54 11.79 12.35
N ALA A 345 -16.19 10.52 12.14
CA ALA A 345 -17.16 9.43 12.13
C ALA A 345 -17.88 9.30 13.49
N ALA A 346 -17.11 9.38 14.58
CA ALA A 346 -17.69 9.32 15.93
C ALA A 346 -18.63 10.50 16.22
N LYS A 347 -18.28 11.69 15.74
CA LYS A 347 -19.13 12.88 15.90
C LYS A 347 -20.45 12.70 15.15
N GLN A 348 -20.37 12.19 13.93
CA GLN A 348 -21.55 11.95 13.11
C GLN A 348 -22.47 10.92 13.77
N ALA A 349 -21.86 9.98 14.49
CA ALA A 349 -22.58 8.91 15.18
C ALA A 349 -23.08 9.35 16.56
N GLY A 350 -22.81 10.61 16.91
CA GLY A 350 -23.21 11.15 18.21
C GLY A 350 -22.48 10.56 19.39
N LEU A 351 -21.36 9.88 19.13
CA LEU A 351 -20.55 9.25 20.17
C LEU A 351 -19.56 10.27 20.71
N ILE A 352 -19.14 11.17 19.82
CA ILE A 352 -18.36 12.37 20.14
C ILE A 352 -17.02 12.08 20.81
N MSE B 23 6.70 -16.20 -34.38
CA MSE B 23 6.62 -16.27 -32.89
C MSE B 23 7.64 -15.36 -32.26
O MSE B 23 8.85 -15.59 -32.39
CB MSE B 23 6.90 -17.70 -32.45
CG MSE B 23 6.12 -18.07 -31.20
SE MSE B 23 6.03 -20.04 -31.10
CE MSE B 23 5.50 -20.32 -32.96
N THR B 24 7.16 -14.33 -31.58
CA THR B 24 8.02 -13.39 -30.88
C THR B 24 7.80 -13.53 -29.38
N ARG B 25 8.85 -13.38 -28.60
CA ARG B 25 8.78 -13.61 -27.16
C ARG B 25 7.88 -12.61 -26.46
N PHE B 26 7.94 -11.35 -26.87
CA PHE B 26 7.22 -10.29 -26.17
C PHE B 26 6.32 -9.48 -27.09
N ASP B 27 5.17 -9.09 -26.58
CA ASP B 27 4.32 -8.12 -27.25
C ASP B 27 4.84 -6.70 -27.00
N VAL B 28 5.12 -6.38 -25.75
CA VAL B 28 5.54 -5.03 -25.35
C VAL B 28 6.72 -5.08 -24.38
N LEU B 29 7.83 -4.44 -24.77
CA LEU B 29 8.87 -4.09 -23.83
C LEU B 29 8.64 -2.62 -23.43
N THR B 30 8.67 -2.33 -22.14
CA THR B 30 8.64 -0.96 -21.68
C THR B 30 9.95 -0.63 -20.97
N VAL B 31 10.34 0.63 -21.00
CA VAL B 31 11.58 1.10 -20.38
C VAL B 31 11.26 2.38 -19.64
N GLY B 32 11.68 2.46 -18.39
CA GLY B 32 11.35 3.64 -17.59
C GLY B 32 12.08 3.69 -16.26
N ASN B 33 11.76 4.74 -15.51
CA ASN B 33 12.25 4.93 -14.16
C ASN B 33 11.56 3.98 -13.18
N ALA B 34 12.34 3.09 -12.57
CA ALA B 34 11.79 2.11 -11.64
C ALA B 34 11.59 2.77 -10.27
N ILE B 35 10.33 2.90 -9.87
CA ILE B 35 9.95 3.74 -8.73
C ILE B 35 8.97 3.00 -7.84
N VAL B 36 9.12 3.15 -6.52
CA VAL B 36 8.06 2.74 -5.59
C VAL B 36 7.27 3.98 -5.15
N ASP B 37 5.94 3.90 -5.25
CA ASP B 37 5.09 5.01 -4.81
C ASP B 37 4.81 5.00 -3.31
N ILE B 38 4.77 6.18 -2.73
CA ILE B 38 4.42 6.40 -1.33
C ILE B 38 3.22 7.33 -1.41
N ILE B 39 2.04 6.81 -1.06
CA ILE B 39 0.78 7.48 -1.37
C ILE B 39 0.03 7.94 -0.13
N SER B 40 -0.40 9.20 -0.15
CA SER B 40 -1.23 9.77 0.93
C SER B 40 -2.28 10.73 0.37
N ARG B 41 -3.39 10.88 1.08
CA ARG B 41 -4.38 11.89 0.70
C ARG B 41 -4.04 13.19 1.43
N CYS B 42 -4.21 14.32 0.75
CA CYS B 42 -4.00 15.62 1.39
C CYS B 42 -5.09 16.60 0.99
N ASN B 43 -5.22 17.70 1.73
CA ASN B 43 -6.11 18.78 1.31
C ASN B 43 -5.39 19.70 0.32
N ASP B 44 -6.13 20.61 -0.31
CA ASP B 44 -5.45 21.39 -1.35
CA ASP B 44 -5.59 21.51 -1.34
C ASP B 44 -4.49 22.43 -0.80
N GLN B 45 -4.68 22.86 0.45
CA GLN B 45 -3.76 23.81 1.07
C GLN B 45 -2.36 23.20 1.25
N PHE B 46 -2.28 21.88 1.43
CA PHE B 46 -1.00 21.20 1.61
C PHE B 46 -0.06 21.42 0.41
N LEU B 47 -0.63 21.34 -0.79
CA LEU B 47 0.12 21.56 -2.03
C LEU B 47 0.64 23.00 -2.11
N ILE B 48 -0.22 23.95 -1.72
CA ILE B 48 0.14 25.36 -1.73
C ILE B 48 1.25 25.65 -0.72
N ASP B 49 1.08 25.15 0.50
CA ASP B 49 2.03 25.39 1.59
C ASP B 49 3.41 24.83 1.28
N ASN B 50 3.43 23.72 0.54
CA ASN B 50 4.69 23.06 0.20
C ASN B 50 5.17 23.33 -1.23
N GLN B 51 4.54 24.25 -1.93
CA GLN B 51 4.94 24.63 -3.29
C GLN B 51 5.09 23.41 -4.21
N ILE B 52 4.09 22.52 -4.14
CA ILE B 52 4.03 21.33 -4.99
C ILE B 52 3.12 21.69 -6.16
N THR B 53 3.61 21.52 -7.39
CA THR B 53 2.79 21.82 -8.57
C THR B 53 1.74 20.74 -8.71
N LYS B 54 0.47 21.12 -8.59
CA LYS B 54 -0.63 20.16 -8.60
C LYS B 54 -0.71 19.44 -9.94
N ALA B 55 -0.97 18.14 -9.89
CA ALA B 55 -1.21 17.31 -11.07
C ALA B 55 0.04 17.00 -11.88
N ALA B 56 1.21 17.38 -11.36
CA ALA B 56 2.47 17.28 -12.10
C ALA B 56 3.48 16.35 -11.43
N MSE B 57 4.52 15.97 -12.18
CA MSE B 57 5.66 15.24 -11.61
C MSE B 57 6.67 16.30 -11.24
O MSE B 57 7.20 17.01 -12.12
CB MSE B 57 6.21 14.33 -12.73
CG MSE B 57 7.03 13.18 -12.17
SE MSE B 57 8.82 13.84 -11.71
CE MSE B 57 9.39 14.26 -13.55
N ASN B 58 6.91 16.42 -9.92
CA ASN B 58 7.87 17.36 -9.35
C ASN B 58 9.12 16.61 -8.96
N LEU B 59 10.24 16.88 -9.64
CA LEU B 59 11.53 16.26 -9.28
C LEU B 59 12.09 16.87 -7.99
N ILE B 60 12.58 16.01 -7.11
CA ILE B 60 13.12 16.49 -5.83
C ILE B 60 14.47 15.83 -5.52
N ASP B 61 15.31 16.54 -4.78
CA ASP B 61 16.56 15.93 -4.29
C ASP B 61 16.35 15.20 -2.96
N ALA B 62 17.41 14.56 -2.47
CA ALA B 62 17.33 13.74 -1.27
C ALA B 62 16.87 14.53 -0.05
N GLU B 63 17.39 15.77 0.10
CA GLU B 63 17.04 16.63 1.22
C GLU B 63 15.55 16.99 1.18
N ARG B 64 15.07 17.43 0.03
CA ARG B 64 13.64 17.74 -0.12
C ARG B 64 12.76 16.50 0.13
N ALA B 65 13.23 15.32 -0.30
CA ALA B 65 12.48 14.09 -0.06
C ALA B 65 12.28 13.85 1.44
N GLU B 66 13.35 13.97 2.22
CA GLU B 66 13.23 13.84 3.66
C GLU B 66 12.30 14.89 4.26
N LEU B 67 12.43 16.14 3.81
CA LEU B 67 11.60 17.23 4.32
C LEU B 67 10.11 16.96 4.02
N LEU B 68 9.80 16.67 2.77
CA LEU B 68 8.41 16.36 2.40
C LEU B 68 7.84 15.16 3.16
N TYR B 69 8.63 14.10 3.29
CA TYR B 69 8.19 12.91 3.99
C TYR B 69 7.83 13.23 5.43
N SER B 70 8.66 14.07 6.06
CA SER B 70 8.45 14.47 7.45
C SER B 70 7.10 15.17 7.64
N ARG B 71 6.58 15.76 6.58
CA ARG B 71 5.30 16.50 6.61
C ARG B 71 4.12 15.68 6.10
N MSE B 72 4.41 14.53 5.51
CA MSE B 72 3.38 13.68 4.91
C MSE B 72 2.71 12.84 5.97
O MSE B 72 3.33 12.42 6.94
CB MSE B 72 4.06 12.81 3.87
CG MSE B 72 3.08 11.90 3.16
SE MSE B 72 4.15 10.83 1.92
CE MSE B 72 2.97 10.78 0.35
N GLY B 73 1.42 12.59 5.77
CA GLY B 73 0.68 11.74 6.71
C GLY B 73 1.04 10.26 6.57
N PRO B 74 0.36 9.40 7.34
CA PRO B 74 0.52 7.95 7.17
C PRO B 74 0.26 7.59 5.72
N ALA B 75 1.08 6.70 5.16
CA ALA B 75 1.05 6.41 3.74
C ALA B 75 0.92 4.92 3.43
N LEU B 76 0.67 4.64 2.15
CA LEU B 76 0.62 3.30 1.60
CA LEU B 76 0.67 3.29 1.63
C LEU B 76 1.77 3.22 0.58
N GLU B 77 2.42 2.06 0.48
CA GLU B 77 3.41 1.88 -0.58
C GLU B 77 2.96 0.90 -1.64
N ALA B 78 3.25 1.22 -2.90
CA ALA B 78 2.93 0.35 -4.02
C ALA B 78 3.93 0.58 -5.12
N SER B 79 4.35 -0.50 -5.79
CA SER B 79 5.20 -0.35 -6.98
C SER B 79 4.57 0.57 -8.00
N GLY B 80 5.40 1.46 -8.55
CA GLY B 80 4.98 2.42 -9.54
C GLY B 80 5.92 2.46 -10.74
N GLY B 81 6.21 3.67 -11.21
CA GLY B 81 7.01 3.87 -12.42
C GLY B 81 6.05 3.82 -13.59
N SER B 82 5.99 4.89 -14.37
CA SER B 82 5.02 4.96 -15.45
CA SER B 82 5.01 4.94 -15.45
C SER B 82 5.05 3.72 -16.38
N ALA B 83 6.23 3.45 -16.97
CA ALA B 83 6.41 2.31 -17.86
C ALA B 83 6.25 0.96 -17.15
N GLY B 84 6.65 0.91 -15.88
CA GLY B 84 6.46 -0.29 -15.06
C GLY B 84 4.98 -0.63 -14.96
N ASN B 85 4.18 0.39 -14.66
CA ASN B 85 2.72 0.25 -14.61
C ASN B 85 2.17 -0.24 -15.95
N THR B 86 2.65 0.35 -17.05
CA THR B 86 2.22 -0.03 -18.40
C THR B 86 2.56 -1.50 -18.72
N ALA B 87 3.79 -1.92 -18.39
CA ALA B 87 4.16 -3.33 -18.55
C ALA B 87 3.23 -4.26 -17.75
N ALA B 88 3.00 -3.93 -16.49
CA ALA B 88 2.11 -4.70 -15.60
C ALA B 88 0.70 -4.82 -16.19
N GLY B 89 0.20 -3.70 -16.73
CA GLY B 89 -1.13 -3.66 -17.37
C GLY B 89 -1.23 -4.58 -18.57
N VAL B 90 -0.18 -4.58 -19.40
CA VAL B 90 -0.16 -5.47 -20.56
C VAL B 90 -0.18 -6.94 -20.15
N ALA B 91 0.63 -7.30 -19.16
CA ALA B 91 0.65 -8.66 -18.62
C ALA B 91 -0.72 -9.04 -18.02
N ASN B 92 -1.31 -8.11 -17.26
CA ASN B 92 -2.63 -8.29 -16.67
C ASN B 92 -3.69 -8.64 -17.74
N LEU B 93 -3.68 -7.89 -18.85
CA LEU B 93 -4.63 -8.13 -19.96
C LEU B 93 -4.40 -9.47 -20.67
N GLY B 94 -3.21 -10.05 -20.50
CA GLY B 94 -2.90 -11.32 -21.11
C GLY B 94 -1.83 -11.28 -22.18
N GLY B 95 -1.26 -10.09 -22.40
CA GLY B 95 -0.16 -9.94 -23.34
C GLY B 95 1.16 -10.33 -22.69
N LYS B 96 2.21 -10.43 -23.49
CA LYS B 96 3.51 -10.79 -22.96
CA LYS B 96 3.54 -10.80 -22.99
C LYS B 96 4.36 -9.53 -22.88
N ALA B 97 4.84 -9.23 -21.67
CA ALA B 97 5.57 -7.99 -21.44
C ALA B 97 6.94 -8.19 -20.80
N ALA B 98 7.82 -7.23 -21.04
CA ALA B 98 9.14 -7.15 -20.43
C ALA B 98 9.38 -5.70 -20.01
N TYR B 99 10.30 -5.51 -19.07
CA TYR B 99 10.64 -4.19 -18.57
C TYR B 99 12.12 -4.00 -18.31
N PHE B 100 12.66 -2.84 -18.69
CA PHE B 100 13.99 -2.39 -18.26
C PHE B 100 13.81 -1.20 -17.34
N GLY B 101 14.41 -1.27 -16.15
CA GLY B 101 14.49 -0.15 -15.22
C GLY B 101 15.40 -0.52 -14.07
N ASN B 102 16.05 0.47 -13.47
CA ASN B 102 17.10 0.16 -12.50
C ASN B 102 16.70 0.51 -11.08
N VAL B 103 16.74 -0.49 -10.20
CA VAL B 103 16.52 -0.25 -8.76
C VAL B 103 17.84 -0.43 -7.99
N ALA B 104 17.82 -0.13 -6.69
CA ALA B 104 19.01 -0.45 -5.86
C ALA B 104 18.86 -1.82 -5.20
N ALA B 105 19.96 -2.32 -4.62
CA ALA B 105 19.95 -3.54 -3.82
C ALA B 105 19.48 -3.19 -2.41
N ASP B 106 18.19 -2.91 -2.28
CA ASP B 106 17.61 -2.54 -0.99
C ASP B 106 16.17 -3.07 -0.93
N GLN B 107 15.48 -2.79 0.17
CA GLN B 107 14.14 -3.36 0.39
C GLN B 107 13.13 -2.84 -0.62
N LEU B 108 13.18 -1.54 -0.91
CA LEU B 108 12.33 -0.93 -1.96
C LEU B 108 12.58 -1.56 -3.32
N GLY B 109 13.85 -1.83 -3.61
CA GLY B 109 14.19 -2.49 -4.85
C GLY B 109 13.67 -3.91 -4.92
N ASP B 110 13.72 -4.60 -3.78
CA ASP B 110 13.22 -5.97 -3.68
C ASP B 110 11.70 -5.97 -3.90
N ILE B 111 11.02 -4.98 -3.31
CA ILE B 111 9.56 -4.81 -3.49
C ILE B 111 9.22 -4.59 -4.98
N PHE B 112 9.93 -3.66 -5.61
CA PHE B 112 9.70 -3.36 -7.01
C PHE B 112 9.90 -4.62 -7.83
N THR B 113 11.00 -5.32 -7.59
CA THR B 113 11.33 -6.51 -8.38
C THR B 113 10.26 -7.58 -8.24
N HIS B 114 9.84 -7.83 -7.01
CA HIS B 114 8.80 -8.80 -6.73
C HIS B 114 7.51 -8.48 -7.50
N ASP B 115 7.02 -7.25 -7.36
CA ASP B 115 5.68 -6.89 -7.88
C ASP B 115 5.58 -6.99 -9.39
N ILE B 116 6.62 -6.52 -10.09
CA ILE B 116 6.61 -6.57 -11.55
C ILE B 116 6.76 -8.02 -12.07
N ARG B 117 7.64 -8.80 -11.47
CA ARG B 117 7.80 -10.21 -11.84
C ARG B 117 6.59 -11.05 -11.46
N ALA B 118 5.93 -10.69 -10.35
CA ALA B 118 4.77 -11.45 -9.86
C ALA B 118 3.60 -11.31 -10.82
N GLN B 119 3.57 -10.20 -11.53
CA GLN B 119 2.55 -9.91 -12.53
C GLN B 119 2.83 -10.66 -13.84
N GLY B 120 4.02 -11.23 -13.96
CA GLY B 120 4.36 -12.05 -15.13
C GLY B 120 5.15 -11.30 -16.17
N VAL B 121 5.73 -10.16 -15.76
CA VAL B 121 6.57 -9.33 -16.63
C VAL B 121 8.02 -9.83 -16.53
N HIS B 122 8.68 -9.97 -17.66
CA HIS B 122 10.10 -10.30 -17.66
C HIS B 122 10.88 -9.09 -17.17
N TYR B 123 11.59 -9.23 -16.05
CA TYR B 123 12.37 -8.14 -15.51
C TYR B 123 13.69 -8.67 -14.97
N GLN B 124 14.78 -8.27 -15.64
CA GLN B 124 16.10 -8.83 -15.35
C GLN B 124 17.23 -7.81 -15.15
N THR B 125 16.87 -6.52 -15.12
CA THR B 125 17.85 -5.45 -14.88
C THR B 125 18.47 -5.60 -13.49
N LYS B 126 19.81 -5.71 -13.43
CA LYS B 126 20.52 -5.98 -12.18
C LYS B 126 20.82 -4.68 -11.42
N PRO B 127 20.58 -4.63 -10.09
CA PRO B 127 20.98 -3.46 -9.31
C PRO B 127 22.51 -3.31 -9.34
N LYS B 128 23.00 -2.08 -9.23
CA LYS B 128 24.45 -1.82 -9.30
CA LYS B 128 24.44 -1.79 -9.32
C LYS B 128 25.07 -1.66 -7.93
N GLY B 129 24.23 -1.43 -6.93
CA GLY B 129 24.66 -1.26 -5.55
C GLY B 129 23.51 -0.77 -4.70
N ALA B 130 23.79 -0.36 -3.46
CA ALA B 130 22.74 0.10 -2.54
C ALA B 130 22.56 1.62 -2.52
N PHE B 131 23.54 2.35 -3.06
CA PHE B 131 23.43 3.80 -3.20
C PHE B 131 23.78 4.24 -4.62
N PRO B 132 22.98 5.14 -5.23
CA PRO B 132 21.76 5.74 -4.66
C PRO B 132 20.68 4.68 -4.43
N PRO B 133 19.78 4.92 -3.45
CA PRO B 133 18.75 3.96 -3.13
C PRO B 133 17.66 3.94 -4.20
N THR B 134 16.79 2.95 -4.14
CA THR B 134 15.70 2.82 -5.11
C THR B 134 14.85 4.11 -5.15
N ALA B 135 14.51 4.55 -6.36
CA ALA B 135 13.67 5.74 -6.54
C ALA B 135 12.33 5.58 -5.82
N ARG B 136 11.84 6.68 -5.28
CA ARG B 136 10.51 6.70 -4.67
C ARG B 136 9.81 8.00 -5.04
N SER B 137 8.48 7.94 -5.11
CA SER B 137 7.69 9.11 -5.42
C SER B 137 6.61 9.29 -4.39
N MSE B 138 6.60 10.44 -3.72
CA MSE B 138 5.54 10.74 -2.76
C MSE B 138 4.43 11.36 -3.55
O MSE B 138 4.60 12.41 -4.16
CB MSE B 138 6.07 11.66 -1.68
CG MSE B 138 6.87 10.76 -0.74
SE MSE B 138 7.78 12.01 0.45
CE MSE B 138 9.34 12.36 -0.73
N ILE B 139 3.29 10.68 -3.55
CA ILE B 139 2.16 11.05 -4.38
C ILE B 139 1.03 11.48 -3.45
N PHE B 140 0.58 12.72 -3.62
CA PHE B 140 -0.44 13.29 -2.79
C PHE B 140 -1.71 13.34 -3.62
N VAL B 141 -2.77 12.72 -3.11
CA VAL B 141 -4.06 12.65 -3.81
C VAL B 141 -5.04 13.61 -3.12
N THR B 142 -5.48 14.60 -3.88
CA THR B 142 -6.42 15.60 -3.36
C THR B 142 -7.86 15.07 -3.49
N GLU B 143 -8.80 15.78 -2.88
CA GLU B 143 -10.21 15.32 -2.79
C GLU B 143 -10.86 15.09 -4.14
N ASP B 144 -10.39 15.83 -5.14
CA ASP B 144 -10.87 15.69 -6.52
C ASP B 144 -10.30 14.47 -7.24
N GLY B 145 -9.41 13.74 -6.56
CA GLY B 145 -8.81 12.54 -7.11
C GLY B 145 -7.55 12.80 -7.92
N GLU B 146 -7.17 14.07 -8.07
CA GLU B 146 -5.96 14.42 -8.79
C GLU B 146 -4.76 13.96 -7.99
N ARG B 147 -3.69 13.63 -8.69
CA ARG B 147 -2.44 13.18 -8.05
CA ARG B 147 -2.45 13.19 -8.05
C ARG B 147 -1.23 14.12 -8.35
N SER B 148 -0.48 14.42 -7.30
CA SER B 148 0.67 15.32 -7.45
C SER B 148 1.89 14.58 -6.90
N MSE B 149 2.85 14.34 -7.79
CA MSE B 149 3.96 13.42 -7.49
C MSE B 149 5.23 14.16 -7.25
O MSE B 149 5.52 15.19 -7.88
CB MSE B 149 4.17 12.47 -8.66
CG MSE B 149 2.81 11.93 -9.11
SE MSE B 149 3.13 10.42 -10.29
CE MSE B 149 3.80 11.32 -11.91
N ASN B 150 6.02 13.62 -6.32
CA ASN B 150 7.24 14.24 -5.84
C ASN B 150 8.31 13.17 -5.83
N THR B 151 9.15 13.19 -6.86
CA THR B 151 9.96 12.01 -7.19
C THR B 151 11.44 12.25 -6.95
N TYR B 152 12.02 11.42 -6.10
CA TYR B 152 13.47 11.35 -5.96
C TYR B 152 13.99 10.18 -6.82
N LEU B 153 14.79 10.48 -7.84
CA LEU B 153 15.15 9.46 -8.83
C LEU B 153 16.11 8.38 -8.32
N GLY B 154 16.92 8.69 -7.31
CA GLY B 154 17.81 7.67 -6.73
C GLY B 154 18.55 6.84 -7.77
N ALA B 155 18.39 5.53 -7.68
CA ALA B 155 19.08 4.56 -8.55
C ALA B 155 18.71 4.66 -10.03
N CYS B 156 17.59 5.31 -10.37
CA CYS B 156 17.25 5.56 -11.76
C CYS B 156 18.33 6.30 -12.56
N VAL B 157 19.15 7.11 -11.88
CA VAL B 157 20.21 7.86 -12.59
C VAL B 157 21.28 6.94 -13.19
N GLU B 158 21.29 5.67 -12.75
CA GLU B 158 22.32 4.74 -13.23
C GLU B 158 21.91 3.90 -14.45
N LEU B 159 20.65 4.01 -14.88
CA LEU B 159 20.20 3.32 -16.08
C LEU B 159 20.96 3.81 -17.30
N GLY B 160 21.48 2.86 -18.06
CA GLY B 160 22.26 3.20 -19.24
C GLY B 160 22.30 2.10 -20.27
N PRO B 161 23.10 2.29 -21.33
CA PRO B 161 23.20 1.32 -22.44
C PRO B 161 23.51 -0.09 -21.96
N GLU B 162 24.24 -0.22 -20.85
CA GLU B 162 24.62 -1.53 -20.33
C GLU B 162 23.39 -2.34 -19.87
N ASP B 163 22.27 -1.65 -19.67
CA ASP B 163 21.04 -2.30 -19.24
C ASP B 163 20.12 -2.73 -20.38
N VAL B 164 20.56 -2.51 -21.62
CA VAL B 164 19.78 -2.92 -22.77
C VAL B 164 20.01 -4.42 -23.02
N GLU B 165 18.94 -5.20 -22.89
CA GLU B 165 18.98 -6.61 -23.22
C GLU B 165 18.63 -6.69 -24.69
N ALA B 166 19.66 -6.76 -25.54
CA ALA B 166 19.50 -6.63 -26.98
C ALA B 166 18.55 -7.69 -27.56
N ASP B 167 18.65 -8.91 -27.04
CA ASP B 167 17.79 -10.02 -27.44
C ASP B 167 16.32 -9.72 -27.14
N VAL B 168 16.07 -9.05 -26.02
CA VAL B 168 14.70 -8.74 -25.61
C VAL B 168 14.10 -7.67 -26.53
N VAL B 169 14.87 -6.62 -26.82
CA VAL B 169 14.42 -5.57 -27.75
C VAL B 169 14.12 -6.20 -29.12
N ALA B 170 15.04 -7.02 -29.60
CA ALA B 170 14.89 -7.69 -30.90
C ALA B 170 13.64 -8.56 -30.97
N ASP B 171 13.25 -9.12 -29.81
CA ASP B 171 12.14 -10.06 -29.72
C ASP B 171 10.82 -9.44 -29.24
N ALA B 172 10.73 -8.11 -29.22
CA ALA B 172 9.49 -7.43 -28.77
C ALA B 172 8.78 -6.70 -29.90
N LYS B 173 7.49 -6.93 -30.05
CA LYS B 173 6.74 -6.28 -31.14
C LYS B 173 6.82 -4.76 -31.04
N VAL B 174 6.65 -4.24 -29.84
CA VAL B 174 6.77 -2.80 -29.56
C VAL B 174 7.68 -2.58 -28.36
N THR B 175 8.60 -1.63 -28.49
CA THR B 175 9.35 -1.11 -27.36
C THR B 175 8.82 0.28 -27.03
N TYR B 176 8.34 0.45 -25.79
CA TYR B 176 7.70 1.68 -25.34
C TYR B 176 8.51 2.30 -24.21
N PHE B 177 8.72 3.61 -24.27
CA PHE B 177 9.50 4.28 -23.23
C PHE B 177 8.91 5.61 -22.73
N GLU B 178 9.38 6.05 -21.55
CA GLU B 178 8.91 7.31 -20.96
C GLU B 178 9.69 8.51 -21.42
N GLY B 179 8.98 9.58 -21.76
CA GLY B 179 9.55 10.93 -21.80
C GLY B 179 10.36 11.24 -20.54
N TYR B 180 9.90 10.73 -19.41
CA TYR B 180 10.55 10.94 -18.11
C TYR B 180 12.00 10.48 -18.10
N LEU B 181 12.36 9.59 -19.01
CA LEU B 181 13.76 9.10 -19.08
C LEU B 181 14.76 10.16 -19.51
N TRP B 182 14.27 11.30 -19.99
CA TRP B 182 15.15 12.41 -20.38
C TRP B 182 15.74 13.18 -19.19
N ASP B 183 15.16 13.01 -18.01
CA ASP B 183 15.70 13.61 -16.79
C ASP B 183 17.00 12.97 -16.27
N PRO B 184 17.05 11.62 -16.09
CA PRO B 184 18.36 11.03 -15.72
C PRO B 184 19.38 11.15 -16.86
N PRO B 185 20.68 11.10 -16.55
CA PRO B 185 21.68 11.51 -17.53
C PRO B 185 21.91 10.56 -18.71
N ARG B 186 21.85 9.25 -18.48
CA ARG B 186 22.31 8.31 -19.52
C ARG B 186 21.22 7.44 -20.11
N ALA B 187 20.03 7.52 -19.56
CA ALA B 187 18.93 6.70 -20.03
C ALA B 187 18.63 6.88 -21.53
N LYS B 188 18.78 8.11 -22.02
CA LYS B 188 18.52 8.41 -23.43
C LYS B 188 19.41 7.62 -24.37
N GLU B 189 20.64 7.34 -23.94
CA GLU B 189 21.57 6.51 -24.72
C GLU B 189 21.05 5.08 -24.88
N ALA B 190 20.52 4.52 -23.79
CA ALA B 190 19.89 3.21 -23.81
C ALA B 190 18.71 3.18 -24.79
N ILE B 191 17.89 4.23 -24.75
CA ILE B 191 16.75 4.36 -25.66
C ILE B 191 17.15 4.47 -27.13
N LEU B 192 18.18 5.26 -27.42
CA LEU B 192 18.73 5.30 -28.77
C LEU B 192 19.22 3.92 -29.26
N ASP B 193 19.80 3.12 -28.36
CA ASP B 193 20.20 1.75 -28.70
C ASP B 193 18.97 0.89 -28.98
N CYS B 194 17.95 1.03 -28.13
CA CYS B 194 16.70 0.30 -28.30
C CYS B 194 16.09 0.60 -29.66
N ALA B 195 16.01 1.87 -30.01
CA ALA B 195 15.41 2.30 -31.28
C ALA B 195 16.11 1.62 -32.45
N ARG B 196 17.44 1.59 -32.41
CA ARG B 196 18.23 1.02 -33.51
C ARG B 196 17.96 -0.48 -33.65
N ILE B 197 18.03 -1.20 -32.54
CA ILE B 197 17.78 -2.64 -32.52
C ILE B 197 16.34 -2.95 -32.96
N ALA B 198 15.37 -2.25 -32.37
CA ALA B 198 13.96 -2.46 -32.72
C ALA B 198 13.75 -2.33 -34.22
N HIS B 199 14.20 -1.21 -34.79
CA HIS B 199 13.99 -0.94 -36.21
C HIS B 199 14.81 -1.84 -37.15
N GLN B 200 15.98 -2.31 -36.70
CA GLN B 200 16.77 -3.29 -37.47
C GLN B 200 16.05 -4.65 -37.55
N HIS B 201 15.16 -4.91 -36.59
CA HIS B 201 14.40 -6.15 -36.52
C HIS B 201 12.93 -5.95 -36.92
N GLY B 202 12.63 -4.81 -37.55
CA GLY B 202 11.26 -4.52 -38.05
C GLY B 202 10.19 -4.37 -36.98
N ARG B 203 10.59 -3.96 -35.79
CA ARG B 203 9.65 -3.75 -34.69
C ARG B 203 9.25 -2.28 -34.66
N GLU B 204 8.35 -1.92 -33.77
CA GLU B 204 7.92 -0.53 -33.63
C GLU B 204 8.33 0.07 -32.30
N MSE B 205 8.63 1.37 -32.33
CA MSE B 205 9.02 2.13 -31.14
C MSE B 205 7.88 3.04 -30.75
O MSE B 205 7.21 3.64 -31.59
CB MSE B 205 10.19 3.05 -31.43
CG MSE B 205 11.54 2.37 -31.67
SE MSE B 205 12.11 1.40 -30.04
CE MSE B 205 12.12 2.89 -28.75
N SER B 206 7.68 3.17 -29.45
CA SER B 206 6.66 4.04 -28.92
C SER B 206 7.14 4.84 -27.72
N MSE B 207 6.58 6.03 -27.53
CA MSE B 207 6.85 6.81 -26.31
C MSE B 207 5.63 7.50 -25.79
O MSE B 207 4.65 7.70 -26.51
CB MSE B 207 7.92 7.86 -26.54
CG MSE B 207 7.37 9.21 -26.91
SE MSE B 207 8.89 10.40 -27.31
CE MSE B 207 9.46 10.81 -25.46
N THR B 208 5.68 7.84 -24.51
CA THR B 208 4.70 8.72 -23.92
C THR B 208 5.41 10.02 -23.58
N LEU B 209 4.69 11.12 -23.75
CA LEU B 209 5.21 12.45 -23.44
C LEU B 209 5.30 12.67 -21.93
N SER B 210 4.66 11.77 -21.17
CA SER B 210 4.80 11.67 -19.71
C SER B 210 4.13 12.77 -18.86
N ASP B 211 4.50 14.02 -19.11
CA ASP B 211 4.13 15.13 -18.24
C ASP B 211 4.38 16.44 -19.00
N SER B 212 3.46 17.39 -18.85
CA SER B 212 3.55 18.66 -19.59
C SER B 212 4.84 19.46 -19.29
N PHE B 213 5.33 19.38 -18.05
CA PHE B 213 6.57 20.07 -17.68
C PHE B 213 7.76 19.30 -18.22
N CYS B 214 7.67 17.97 -18.23
CA CYS B 214 8.67 17.13 -18.89
C CYS B 214 8.79 17.52 -20.36
N VAL B 215 7.64 17.67 -21.01
CA VAL B 215 7.60 18.14 -22.41
C VAL B 215 8.26 19.51 -22.54
N ASP B 216 7.97 20.42 -21.60
CA ASP B 216 8.58 21.74 -21.65
CA ASP B 216 8.58 21.76 -21.57
C ASP B 216 10.10 21.64 -21.60
N ARG B 217 10.63 20.75 -20.74
CA ARG B 217 12.08 20.57 -20.61
C ARG B 217 12.76 19.99 -21.86
N TYR B 218 12.04 19.15 -22.59
CA TYR B 218 12.66 18.37 -23.67
C TYR B 218 11.93 18.44 -25.00
N ARG B 219 11.19 19.53 -25.19
CA ARG B 219 10.35 19.74 -26.37
C ARG B 219 11.05 19.45 -27.70
N GLY B 220 12.20 20.09 -27.91
CA GLY B 220 12.99 19.93 -29.14
C GLY B 220 13.46 18.50 -29.35
N GLU B 221 13.88 17.85 -28.27
CA GLU B 221 14.33 16.46 -28.35
C GLU B 221 13.21 15.49 -28.66
N PHE B 222 12.04 15.72 -28.05
CA PHE B 222 10.91 14.84 -28.31
C PHE B 222 10.44 14.95 -29.76
N LEU B 223 10.35 16.18 -30.27
CA LEU B 223 9.97 16.41 -31.67
C LEU B 223 10.96 15.75 -32.62
N ASP B 224 12.25 15.82 -32.27
CA ASP B 224 13.29 15.18 -33.07
C ASP B 224 13.16 13.65 -33.08
N LEU B 225 12.83 13.06 -31.92
CA LEU B 225 12.56 11.62 -31.85
C LEU B 225 11.45 11.22 -32.82
N MSE B 226 10.40 12.02 -32.88
CA MSE B 226 9.25 11.71 -33.74
C MSE B 226 9.58 11.94 -35.19
O MSE B 226 9.36 11.08 -36.04
CB MSE B 226 8.05 12.56 -33.32
CG MSE B 226 7.47 12.08 -32.00
SE MSE B 226 6.41 13.53 -31.19
CE MSE B 226 4.79 13.48 -32.30
N ARG B 227 10.17 13.09 -35.49
CA ARG B 227 10.44 13.47 -36.90
C ARG B 227 11.55 12.62 -37.55
N SER B 228 12.49 12.14 -36.76
CA SER B 228 13.56 11.29 -37.27
C SER B 228 13.06 9.86 -37.51
N GLY B 229 11.88 9.55 -36.97
CA GLY B 229 11.30 8.22 -37.09
C GLY B 229 11.83 7.23 -36.07
N LYS B 230 12.57 7.71 -35.07
CA LYS B 230 13.01 6.86 -33.96
C LYS B 230 11.83 6.40 -33.13
N VAL B 231 10.76 7.19 -33.13
CA VAL B 231 9.49 6.86 -32.47
C VAL B 231 8.36 6.76 -33.51
N ASP B 232 7.60 5.67 -33.43
CA ASP B 232 6.50 5.42 -34.39
C ASP B 232 5.12 5.74 -33.82
N ILE B 233 4.92 5.43 -32.55
CA ILE B 233 3.61 5.63 -31.90
C ILE B 233 3.80 6.52 -30.67
N VAL B 234 3.07 7.64 -30.61
CA VAL B 234 3.18 8.60 -29.49
CA VAL B 234 3.19 8.56 -29.47
C VAL B 234 1.90 8.66 -28.65
N PHE B 235 2.06 8.61 -27.33
CA PHE B 235 0.96 8.80 -26.39
C PHE B 235 1.10 10.18 -25.74
N ALA B 236 0.00 10.91 -25.71
CA ALA B 236 -0.05 12.24 -25.10
C ALA B 236 -1.40 12.41 -24.43
N ASN B 237 -1.45 13.18 -23.36
CA ASN B 237 -2.73 13.73 -22.91
C ASN B 237 -2.91 15.16 -23.45
N ARG B 238 -4.04 15.79 -23.14
CA ARG B 238 -4.35 17.10 -23.70
C ARG B 238 -3.27 18.13 -23.33
N GLN B 239 -2.88 18.15 -22.06
CA GLN B 239 -1.90 19.09 -21.54
C GLN B 239 -0.52 18.91 -22.19
N GLU B 240 -0.09 17.67 -22.35
CA GLU B 240 1.17 17.36 -23.03
C GLU B 240 1.16 17.77 -24.49
N ALA B 241 0.04 17.52 -25.18
CA ALA B 241 -0.08 17.89 -26.59
C ALA B 241 -0.04 19.42 -26.76
N LEU B 242 -0.73 20.16 -25.88
CA LEU B 242 -0.67 21.62 -25.88
C LEU B 242 0.76 22.15 -25.61
N SER B 243 1.46 21.50 -24.68
N SER B 243 1.46 21.50 -24.69
CA SER B 243 2.82 21.88 -24.30
CA SER B 243 2.82 21.91 -24.34
C SER B 243 3.81 21.63 -25.44
C SER B 243 3.81 21.64 -25.45
N LEU B 244 3.64 20.51 -26.15
CA LEU B 244 4.55 20.12 -27.23
C LEU B 244 4.66 21.19 -28.30
N TYR B 245 3.51 21.82 -28.62
CA TYR B 245 3.46 22.85 -29.65
C TYR B 245 3.26 24.26 -29.10
N GLN B 246 3.25 24.37 -27.77
CA GLN B 246 3.08 25.63 -27.04
C GLN B 246 1.89 26.41 -27.57
N THR B 247 0.74 25.74 -27.61
CA THR B 247 -0.48 26.33 -28.13
C THR B 247 -1.60 26.14 -27.13
N ASP B 248 -2.63 26.99 -27.18
CA ASP B 248 -3.87 26.71 -26.45
C ASP B 248 -4.95 26.19 -27.37
N ASP B 249 -4.59 25.97 -28.63
CA ASP B 249 -5.52 25.46 -29.63
C ASP B 249 -5.34 23.95 -29.72
N PHE B 250 -6.28 23.21 -29.13
CA PHE B 250 -6.22 21.75 -29.14
C PHE B 250 -6.30 21.16 -30.54
N GLU B 251 -7.09 21.79 -31.42
CA GLU B 251 -7.19 21.30 -32.79
C GLU B 251 -5.87 21.44 -33.55
N GLU B 252 -5.15 22.52 -33.30
CA GLU B 252 -3.81 22.71 -33.89
C GLU B 252 -2.88 21.60 -33.40
N ALA B 253 -2.91 21.35 -32.08
CA ALA B 253 -2.08 20.31 -31.48
C ALA B 253 -2.34 18.94 -32.14
N LEU B 254 -3.60 18.62 -32.39
CA LEU B 254 -3.93 17.35 -33.02
C LEU B 254 -3.42 17.27 -34.44
N ASN B 255 -3.64 18.33 -35.22
CA ASN B 255 -3.12 18.40 -36.58
C ASN B 255 -1.59 18.27 -36.62
N ARG B 256 -0.92 18.94 -35.70
CA ARG B 256 0.55 18.93 -35.71
C ARG B 256 1.13 17.58 -35.27
N ILE B 257 0.57 17.01 -34.20
CA ILE B 257 1.03 15.70 -33.73
C ILE B 257 0.82 14.60 -34.80
N ALA B 258 -0.27 14.71 -35.57
CA ALA B 258 -0.51 13.75 -36.63
C ALA B 258 0.56 13.86 -37.74
N ALA B 259 1.09 15.07 -37.92
CA ALA B 259 2.08 15.32 -38.97
C ALA B 259 3.47 14.89 -38.51
N ASP B 260 3.66 14.75 -37.20
CA ASP B 260 4.96 14.47 -36.63
C ASP B 260 5.23 13.00 -36.29
N CYS B 261 4.18 12.18 -36.24
CA CYS B 261 4.39 10.76 -35.95
CA CYS B 261 4.32 10.77 -35.85
C CYS B 261 3.38 9.90 -36.68
N LYS B 262 3.73 8.62 -36.86
CA LYS B 262 2.91 7.71 -37.65
C LYS B 262 1.54 7.48 -37.01
N ILE B 263 1.53 7.22 -35.71
CA ILE B 263 0.29 7.07 -34.94
C ILE B 263 0.41 7.87 -33.63
N ALA B 264 -0.62 8.65 -33.32
CA ALA B 264 -0.68 9.36 -32.06
C ALA B 264 -1.94 8.94 -31.33
N ALA B 265 -1.82 8.68 -30.03
CA ALA B 265 -2.98 8.38 -29.21
C ALA B 265 -3.09 9.50 -28.19
N VAL B 266 -4.15 10.31 -28.28
CA VAL B 266 -4.26 11.47 -27.40
C VAL B 266 -5.44 11.30 -26.44
N THR B 267 -5.15 11.26 -25.14
CA THR B 267 -6.21 11.10 -24.13
C THR B 267 -6.75 12.44 -23.68
N MSE B 268 -8.02 12.47 -23.30
CA MSE B 268 -8.67 13.72 -22.88
C MSE B 268 -9.51 13.52 -21.63
O MSE B 268 -10.62 14.05 -21.55
CB MSE B 268 -9.51 14.26 -24.05
CG MSE B 268 -8.75 14.29 -25.37
SE MSE B 268 -10.06 14.62 -26.80
CE MSE B 268 -10.94 12.86 -26.89
N SER B 269 -8.96 12.79 -20.66
CA SER B 269 -9.61 12.54 -19.37
C SER B 269 -11.07 12.04 -19.53
N GLU B 270 -12.03 12.75 -18.95
CA GLU B 270 -13.44 12.32 -18.99
C GLU B 270 -14.05 12.35 -20.40
N ASN B 271 -13.36 13.01 -21.33
CA ASN B 271 -13.79 13.12 -22.71
C ASN B 271 -13.24 11.99 -23.60
N GLY B 272 -12.56 11.03 -22.97
CA GLY B 272 -12.13 9.83 -23.67
C GLY B 272 -10.77 9.99 -24.32
N ALA B 273 -10.70 9.69 -25.63
CA ALA B 273 -9.44 9.68 -26.36
C ALA B 273 -9.65 9.80 -27.86
N VAL B 274 -8.61 10.23 -28.57
CA VAL B 274 -8.65 10.27 -30.02
C VAL B 274 -7.37 9.66 -30.60
N ILE B 275 -7.55 8.74 -31.54
CA ILE B 275 -6.43 8.04 -32.17
C ILE B 275 -6.25 8.62 -33.57
N LEU B 276 -5.05 9.07 -33.87
CA LEU B 276 -4.76 9.70 -35.16
C LEU B 276 -3.77 8.87 -35.95
N LYS B 277 -4.04 8.70 -37.24
CA LYS B 277 -3.10 8.08 -38.16
C LYS B 277 -3.21 8.74 -39.52
N GLY B 278 -2.20 9.53 -39.88
CA GLY B 278 -2.25 10.33 -41.10
C GLY B 278 -3.43 11.26 -41.01
N ARG B 279 -4.41 11.04 -41.87
CA ARG B 279 -5.65 11.82 -41.87
C ARG B 279 -6.79 11.14 -41.09
N GLU B 280 -6.59 9.87 -40.74
CA GLU B 280 -7.60 9.11 -39.99
C GLU B 280 -7.72 9.64 -38.56
N ARG B 281 -8.94 9.72 -38.05
CA ARG B 281 -9.17 10.02 -36.63
C ARG B 281 -10.24 9.10 -36.07
N TYR B 282 -9.95 8.50 -34.92
CA TYR B 282 -10.91 7.62 -34.26
C TYR B 282 -11.18 8.12 -32.86
N TYR B 283 -12.40 8.58 -32.63
CA TYR B 283 -12.73 9.07 -31.30
C TYR B 283 -13.32 7.93 -30.46
N VAL B 284 -12.87 7.85 -29.20
CA VAL B 284 -13.35 6.82 -28.27
C VAL B 284 -13.84 7.47 -26.99
N ASN B 285 -14.98 7.00 -26.47
CA ASN B 285 -15.51 7.52 -25.21
C ASN B 285 -14.82 6.95 -23.97
N ALA B 286 -14.79 7.73 -22.91
CA ALA B 286 -14.39 7.25 -21.60
C ALA B 286 -15.47 6.31 -21.08
N ILE B 287 -15.08 5.31 -20.28
CA ILE B 287 -16.07 4.42 -19.68
C ILE B 287 -16.77 5.13 -18.52
N ARG B 288 -17.95 4.64 -18.15
CA ARG B 288 -18.65 5.11 -16.97
C ARG B 288 -17.93 4.63 -15.70
N ILE B 289 -17.83 5.50 -14.71
CA ILE B 289 -17.10 5.19 -13.48
C ILE B 289 -17.92 5.46 -12.23
N ARG B 290 -17.65 4.70 -11.17
CA ARG B 290 -18.28 4.94 -9.87
C ARG B 290 -17.83 6.28 -9.29
N GLU B 291 -16.53 6.49 -9.25
CA GLU B 291 -15.94 7.68 -8.63
C GLU B 291 -14.48 7.74 -9.03
N VAL B 292 -13.92 8.94 -9.12
CA VAL B 292 -12.48 9.10 -9.33
C VAL B 292 -11.80 9.07 -7.97
N VAL B 293 -11.26 7.92 -7.63
CA VAL B 293 -10.60 7.72 -6.34
C VAL B 293 -9.19 8.32 -6.39
N ASP B 294 -8.47 8.01 -7.47
CA ASP B 294 -7.06 8.37 -7.58
C ASP B 294 -6.67 8.22 -9.04
N THR B 295 -6.39 9.33 -9.72
CA THR B 295 -6.06 9.32 -11.15
C THR B 295 -4.68 8.69 -11.46
N THR B 296 -3.91 8.35 -10.42
CA THR B 296 -2.55 7.79 -10.62
C THR B 296 -2.56 6.54 -11.52
N GLY B 297 -1.81 6.60 -12.62
CA GLY B 297 -1.72 5.47 -13.52
C GLY B 297 -2.67 5.49 -14.71
N ALA B 298 -3.54 6.48 -14.79
CA ALA B 298 -4.56 6.53 -15.87
C ALA B 298 -3.94 6.48 -17.27
N GLY B 299 -2.98 7.38 -17.52
CA GLY B 299 -2.28 7.39 -18.82
C GLY B 299 -1.48 6.12 -19.05
N ASP B 300 -0.85 5.63 -17.99
CA ASP B 300 -0.06 4.40 -18.08
C ASP B 300 -0.89 3.21 -18.56
N LEU B 301 -2.08 3.10 -17.97
CA LEU B 301 -2.96 1.96 -18.25
C LEU B 301 -3.73 2.14 -19.55
N PHE B 302 -3.98 3.38 -19.96
CA PHE B 302 -4.45 3.63 -21.32
C PHE B 302 -3.45 3.04 -22.31
N ALA B 303 -2.16 3.28 -22.05
CA ALA B 303 -1.13 2.75 -22.92
C ALA B 303 -1.12 1.23 -22.88
N SER B 304 -1.38 0.64 -21.70
CA SER B 304 -1.42 -0.82 -21.58
C SER B 304 -2.53 -1.37 -22.48
N GLY B 305 -3.74 -0.83 -22.31
CA GLY B 305 -4.88 -1.23 -23.13
C GLY B 305 -4.62 -1.06 -24.61
N PHE B 306 -4.16 0.14 -24.99
CA PHE B 306 -3.89 0.42 -26.39
C PHE B 306 -2.88 -0.55 -27.01
N LEU B 307 -1.74 -0.71 -26.35
CA LEU B 307 -0.66 -1.53 -26.88
C LEU B 307 -0.99 -3.02 -26.88
N TYR B 308 -1.76 -3.46 -25.89
CA TYR B 308 -2.25 -4.84 -25.87
C TYR B 308 -3.06 -5.09 -27.14
N GLY B 309 -4.01 -4.19 -27.42
CA GLY B 309 -4.86 -4.33 -28.60
C GLY B 309 -4.05 -4.26 -29.87
N TYR B 310 -3.12 -3.30 -29.92
CA TYR B 310 -2.26 -3.08 -31.09
C TYR B 310 -1.47 -4.32 -31.48
N THR B 311 -0.90 -4.97 -30.47
CA THR B 311 -0.07 -6.14 -30.69
C THR B 311 -0.89 -7.43 -30.85
N GLN B 312 -2.20 -7.34 -30.63
CA GLN B 312 -3.11 -8.43 -30.96
C GLN B 312 -3.75 -8.20 -32.33
N GLY B 313 -3.31 -7.15 -33.03
CA GLY B 313 -3.81 -6.87 -34.39
C GLY B 313 -5.20 -6.25 -34.46
N ARG B 314 -5.65 -5.67 -33.35
CA ARG B 314 -6.96 -5.01 -33.29
C ARG B 314 -6.97 -3.68 -34.05
N SER B 315 -8.16 -3.24 -34.46
CA SER B 315 -8.33 -1.93 -35.12
C SER B 315 -7.89 -0.81 -34.17
N LEU B 316 -7.56 0.35 -34.72
CA LEU B 316 -7.14 1.47 -33.89
C LEU B 316 -8.24 1.91 -32.93
N GLU B 317 -9.50 1.90 -33.38
CA GLU B 317 -10.61 2.22 -32.49
C GLU B 317 -10.70 1.24 -31.33
N ASP B 318 -10.54 -0.05 -31.60
CA ASP B 318 -10.63 -1.07 -30.55
C ASP B 318 -9.43 -0.99 -29.60
N CYS B 319 -8.30 -0.56 -30.13
CA CYS B 319 -7.13 -0.24 -29.30
C CYS B 319 -7.46 0.90 -28.32
N GLY B 320 -8.04 1.98 -28.85
CA GLY B 320 -8.54 3.07 -28.01
C GLY B 320 -9.53 2.62 -26.96
N LYS B 321 -10.46 1.74 -27.36
CA LYS B 321 -11.47 1.22 -26.44
C LYS B 321 -10.86 0.42 -25.29
N LEU B 322 -9.93 -0.46 -25.62
CA LEU B 322 -9.17 -1.20 -24.60
C LEU B 322 -8.41 -0.28 -23.65
N GLY B 323 -7.77 0.75 -24.20
CA GLY B 323 -7.10 1.79 -23.40
C GLY B 323 -8.03 2.51 -22.45
N CYS B 324 -9.17 2.98 -22.94
CA CYS B 324 -10.13 3.66 -22.09
C CYS B 324 -10.66 2.75 -20.98
N LEU B 325 -10.79 1.46 -21.29
CA LEU B 325 -11.27 0.49 -20.30
C LEU B 325 -10.23 0.35 -19.19
N ALA B 326 -9.00 0.08 -19.58
CA ALA B 326 -7.93 -0.08 -18.58
C ALA B 326 -7.75 1.19 -17.71
N ALA B 327 -7.76 2.36 -18.33
CA ALA B 327 -7.62 3.61 -17.61
C ALA B 327 -8.78 3.89 -16.65
N GLY B 328 -10.01 3.68 -17.11
CA GLY B 328 -11.18 3.90 -16.24
C GLY B 328 -11.20 3.00 -15.02
N ILE B 329 -10.64 1.80 -15.16
CA ILE B 329 -10.55 0.84 -14.06
C ILE B 329 -9.52 1.33 -13.04
N VAL B 330 -8.35 1.74 -13.51
CA VAL B 330 -7.29 2.10 -12.57
C VAL B 330 -7.63 3.32 -11.71
N ILE B 331 -8.37 4.28 -12.26
CA ILE B 331 -8.71 5.49 -11.51
C ILE B 331 -9.76 5.31 -10.41
N GLN B 332 -10.36 4.13 -10.36
CA GLN B 332 -11.36 3.80 -9.33
C GLN B 332 -10.75 3.02 -8.19
N GLN B 333 -9.42 3.01 -8.10
CA GLN B 333 -8.73 2.37 -6.97
C GLN B 333 -7.58 3.22 -6.51
N ILE B 334 -7.14 3.01 -5.27
CA ILE B 334 -5.86 3.57 -4.80
C ILE B 334 -4.73 2.72 -5.37
N GLY B 335 -3.69 3.37 -5.87
CA GLY B 335 -2.53 2.62 -6.40
C GLY B 335 -2.55 2.55 -7.92
N PRO B 336 -1.36 2.52 -8.55
CA PRO B 336 -1.21 2.71 -9.99
C PRO B 336 -1.37 1.46 -10.86
N ARG B 337 -1.48 0.29 -10.25
CA ARG B 337 -1.60 -0.94 -11.00
C ARG B 337 -2.88 -1.66 -10.62
N PRO B 338 -3.77 -1.92 -11.59
CA PRO B 338 -5.05 -2.55 -11.26
C PRO B 338 -4.89 -3.85 -10.46
N MSE B 339 -5.63 -3.94 -9.36
CA MSE B 339 -5.61 -5.12 -8.50
C MSE B 339 -6.60 -6.16 -8.94
O MSE B 339 -6.63 -7.26 -8.39
CB MSE B 339 -5.88 -4.67 -7.07
CG MSE B 339 -4.85 -3.64 -6.65
SE MSE B 339 -5.20 -3.08 -4.78
CE MSE B 339 -6.35 -1.51 -5.10
N THR B 340 -7.41 -5.85 -9.96
CA THR B 340 -8.39 -6.79 -10.51
C THR B 340 -7.96 -7.24 -11.90
N SER B 341 -8.63 -8.27 -12.42
CA SER B 341 -8.31 -8.80 -13.74
C SER B 341 -8.83 -7.92 -14.85
N LEU B 342 -7.90 -7.34 -15.61
CA LEU B 342 -8.23 -6.55 -16.77
C LEU B 342 -8.71 -7.44 -17.92
N SER B 343 -8.16 -8.65 -18.01
CA SER B 343 -8.62 -9.59 -19.04
C SER B 343 -10.10 -9.95 -18.83
N GLU B 344 -10.51 -10.16 -17.58
CA GLU B 344 -11.91 -10.45 -17.26
C GLU B 344 -12.82 -9.25 -17.52
N ALA B 345 -12.34 -8.05 -17.20
CA ALA B 345 -13.10 -6.83 -17.46
C ALA B 345 -13.29 -6.61 -18.97
N ALA B 346 -12.23 -6.85 -19.73
CA ALA B 346 -12.29 -6.76 -21.20
C ALA B 346 -13.31 -7.75 -21.80
N LYS B 347 -13.31 -8.98 -21.29
CA LYS B 347 -14.29 -9.99 -21.72
C LYS B 347 -15.73 -9.57 -21.40
N GLN B 348 -15.92 -9.01 -20.21
CA GLN B 348 -17.23 -8.55 -19.76
C GLN B 348 -17.69 -7.31 -20.52
N ALA B 349 -16.75 -6.45 -20.90
CA ALA B 349 -17.07 -5.27 -21.71
C ALA B 349 -17.29 -5.62 -23.17
N GLY B 350 -17.07 -6.89 -23.52
CA GLY B 350 -17.23 -7.38 -24.88
C GLY B 350 -16.14 -6.93 -25.84
N LEU B 351 -14.97 -6.60 -25.28
CA LEU B 351 -13.83 -6.14 -26.08
C LEU B 351 -12.87 -7.27 -26.47
N ILE B 352 -12.81 -8.31 -25.64
CA ILE B 352 -12.14 -9.57 -26.01
C ILE B 352 -13.05 -10.74 -25.68
O5' ADN C . -4.52 -7.47 13.45
C5' ADN C . -3.99 -7.24 12.13
C4' ADN C . -2.51 -6.89 12.28
O4' ADN C . -1.81 -7.96 12.89
C3' ADN C . -1.79 -6.70 10.95
O3' ADN C . -1.68 -5.31 10.70
C2' ADN C . -0.42 -7.34 11.16
O2' ADN C . 0.64 -6.41 11.00
C1' ADN C . -0.43 -7.70 12.62
N9 ADN C . 0.38 -8.90 12.95
C8 ADN C . 0.60 -9.99 12.20
N7 ADN C . 1.39 -10.87 12.87
C5 ADN C . 1.65 -10.35 14.08
C6 ADN C . 2.40 -10.73 15.29
N6 ADN C . 3.05 -11.93 15.37
N1 ADN C . 2.42 -9.85 16.32
C2 ADN C . 1.78 -8.67 16.28
N3 ADN C . 1.06 -8.26 15.22
C4 ADN C . 0.98 -9.04 14.13
S DMS D . 9.70 -11.65 2.47
O DMS D . 10.09 -11.43 3.87
C1 DMS D . 8.98 -10.24 1.86
C2 DMS D . 11.11 -11.69 1.53
S DMS E . 14.01 -11.53 5.70
O DMS E . 14.31 -11.11 4.31
C1 DMS E . 12.99 -12.88 5.64
C2 DMS E . 15.44 -12.21 6.38
BR4 BYZ F . 8.23 -5.59 2.04
C4 BYZ F . 9.94 -6.45 1.46
C5 BYZ F . 10.04 -7.22 0.32
N1 BYZ F . 11.34 -7.59 0.31
N2 BYZ F . 12.01 -7.03 1.42
C3 BYZ F . 11.12 -6.30 2.16
BR BR G . 17.29 -1.41 3.26
K K H . -8.72 -3.61 6.70
BR4 BYZ I . 9.46 4.32 1.27
C4 BYZ I . 10.94 4.86 2.50
C5 BYZ I . 10.72 5.53 3.69
N1 BYZ I . 11.98 5.69 4.19
N2 BYZ I . 12.92 5.13 3.27
C3 BYZ I . 12.25 4.61 2.21
O5' ADN J . 1.76 7.69 -13.92
C5' ADN J . 1.73 7.34 -12.53
C4' ADN J . 3.11 6.84 -12.11
O4' ADN J . 4.12 7.78 -12.41
C3' ADN J . 3.26 6.62 -10.61
O3' ADN J . 3.08 5.24 -10.35
C2' ADN J . 4.72 7.03 -10.29
O2' ADN J . 5.51 5.99 -9.76
C1' ADN J . 5.26 7.35 -11.67
N9 ADN J . 6.30 8.39 -11.65
C8 ADN J . 6.43 9.45 -10.82
N7 ADN J . 7.54 10.17 -11.16
C5 ADN J . 8.10 9.55 -12.23
C6 ADN J . 9.29 9.77 -13.08
N6 ADN J . 10.09 10.83 -12.87
N1 ADN J . 9.53 8.87 -14.07
C2 ADN J . 8.72 7.81 -14.30
N3 ADN J . 7.62 7.55 -13.57
C4 ADN J . 7.29 8.38 -12.54
S DMS K . 11.66 9.90 1.54
O DMS K . 12.41 9.61 0.30
C1 DMS K . 10.54 8.65 1.75
C2 DMS K . 12.69 9.53 2.85
S DMS L . 16.83 9.04 0.42
O DMS L . 15.97 8.20 1.30
C1 DMS L . 15.88 10.28 -0.25
C2 DMS L . 17.93 9.95 1.36
K K M . -5.18 4.73 -9.19
#